data_5ODN
#
_entry.id   5ODN
#
_cell.length_a   106.470
_cell.length_b   123.500
_cell.length_c   205.250
_cell.angle_alpha   90.00
_cell.angle_beta   90.00
_cell.angle_gamma   90.00
#
_symmetry.space_group_name_H-M   'C 2 2 21'
#
loop_
_entity.id
_entity.type
_entity.pdbx_description
1 polymer 'Single-stranded DNA-binding protein'
2 polymer "DNA (5'-D(P*TP*TP*TP*T)-3')"
3 polymer "DNA (5'-D(*TP*TP*T)-3')"
4 water water
#
loop_
_entity_poly.entity_id
_entity_poly.type
_entity_poly.pdbx_seq_one_letter_code
_entity_poly.pdbx_strand_id
1 'polypeptide(L)'
;MNHKVHHHHHHMELGTLEGSENLYFQGAMARGVNKVILIGNLGDDPELRYTGSGTAVCNMSLATNETYTDSDGNEVQNTE
WHDVVAWGRLGEICNEYLDKGSQVYFEGKLQTRSWEDRDNNTRYSTEVKAQEMMFLDSNRQGGADMDGFDQTRGDESLDQ
TRQEQPAGSSGPQPGQQASSGGEDEDTFEPDDDLPF
;
A,B,C,D,E,F,G,H
2 'polydeoxyribonucleotide' (DT)(DT)(DT)(DT) I,M,J,K,N,Q
3 'polydeoxyribonucleotide' (DT)(DT)(DT) P,L
#
loop_
_chem_comp.id
_chem_comp.type
_chem_comp.name
_chem_comp.formula
DT DNA linking THYMIDINE-5'-MONOPHOSPHATE 'C10 H15 N2 O8 P'
#
# COMPACT_ATOMS: atom_id res chain seq x y z
N ALA A 28 15.38 -16.12 1.65
CA ALA A 28 15.82 -17.35 2.31
C ALA A 28 14.68 -18.38 2.34
N MET A 29 14.05 -18.51 3.50
CA MET A 29 12.77 -19.18 3.60
C MET A 29 11.66 -18.13 3.63
N ALA A 30 10.50 -18.50 3.12
CA ALA A 30 9.36 -17.61 3.19
C ALA A 30 8.97 -17.40 4.64
N ARG A 31 8.36 -16.25 4.92
CA ARG A 31 7.85 -15.96 6.26
C ARG A 31 6.33 -15.81 6.29
N GLY A 32 5.66 -16.19 5.21
CA GLY A 32 4.21 -16.16 5.12
C GLY A 32 3.83 -16.66 3.76
N VAL A 33 2.53 -16.91 3.58
CA VAL A 33 1.96 -17.34 2.32
C VAL A 33 0.67 -16.55 2.09
N ASN A 34 0.58 -15.92 0.91
CA ASN A 34 -0.58 -15.12 0.50
C ASN A 34 -0.78 -15.43 -0.99
N LYS A 35 -1.70 -16.33 -1.31
CA LYS A 35 -1.79 -16.88 -2.66
C LYS A 35 -3.26 -16.97 -3.09
N VAL A 36 -3.60 -16.43 -4.26
CA VAL A 36 -4.95 -16.59 -4.80
C VAL A 36 -4.87 -17.28 -6.15
N ILE A 37 -5.80 -18.21 -6.39
CA ILE A 37 -5.94 -18.94 -7.64
C ILE A 37 -7.37 -18.68 -8.12
N LEU A 38 -7.49 -18.12 -9.32
CA LEU A 38 -8.77 -17.72 -9.87
C LEU A 38 -8.90 -18.27 -11.29
N ILE A 39 -10.05 -18.88 -11.58
CA ILE A 39 -10.49 -19.12 -12.95
C ILE A 39 -11.93 -18.63 -13.06
N GLY A 40 -12.18 -17.71 -13.96
CA GLY A 40 -13.51 -17.23 -14.25
C GLY A 40 -13.49 -16.46 -15.57
N ASN A 41 -14.41 -15.51 -15.70
CA ASN A 41 -14.58 -14.77 -16.95
C ASN A 41 -14.67 -13.28 -16.67
N LEU A 42 -14.00 -12.48 -17.51
CA LEU A 42 -13.95 -11.05 -17.27
C LEU A 42 -15.33 -10.44 -17.40
N GLY A 43 -15.62 -9.48 -16.51
CA GLY A 43 -16.91 -8.81 -16.53
C GLY A 43 -17.03 -7.74 -17.60
N ASP A 44 -15.91 -7.18 -18.02
CA ASP A 44 -15.88 -6.13 -19.03
C ASP A 44 -14.48 -6.12 -19.64
N ASP A 45 -14.25 -5.20 -20.56
CA ASP A 45 -12.93 -5.13 -21.18
C ASP A 45 -11.91 -4.64 -20.15
N PRO A 46 -10.69 -5.15 -20.19
CA PRO A 46 -9.63 -4.60 -19.33
C PRO A 46 -9.47 -3.10 -19.56
N GLU A 47 -8.98 -2.41 -18.53
CA GLU A 47 -8.63 -1.01 -18.65
C GLU A 47 -7.15 -0.84 -18.33
N LEU A 48 -6.44 -0.18 -19.24
CA LEU A 48 -5.00 0.02 -19.14
C LEU A 48 -4.71 1.49 -18.90
N ARG A 49 -3.81 1.78 -17.95
CA ARG A 49 -3.33 3.14 -17.78
C ARG A 49 -1.83 3.07 -17.50
N TYR A 50 -1.16 4.22 -17.55
CA TYR A 50 0.26 4.31 -17.26
C TYR A 50 0.52 5.32 -16.15
N THR A 51 1.44 4.98 -15.26
CA THR A 51 1.91 5.91 -14.26
C THR A 51 2.80 6.96 -14.92
N GLY A 52 3.23 7.93 -14.12
CA GLY A 52 4.11 8.97 -14.64
C GLY A 52 5.34 8.41 -15.32
N SER A 53 5.93 7.35 -14.75
CA SER A 53 7.21 6.80 -15.17
C SER A 53 7.09 5.86 -16.35
N GLY A 54 5.88 5.48 -16.77
CA GLY A 54 5.71 4.56 -17.87
C GLY A 54 5.33 3.14 -17.50
N THR A 55 4.92 2.89 -16.27
CA THR A 55 4.54 1.56 -15.83
C THR A 55 3.09 1.28 -16.20
N ALA A 56 2.85 0.15 -16.85
CA ALA A 56 1.48 -0.26 -17.14
C ALA A 56 0.77 -0.75 -15.88
N VAL A 57 -0.50 -0.36 -15.74
CA VAL A 57 -1.41 -0.82 -14.70
C VAL A 57 -2.72 -1.18 -15.40
N CYS A 58 -3.10 -2.46 -15.35
CA CYS A 58 -4.31 -2.96 -15.99
C CYS A 58 -5.30 -3.45 -14.94
N ASN A 59 -6.49 -2.88 -14.93
CA ASN A 59 -7.54 -3.25 -13.98
C ASN A 59 -8.58 -4.09 -14.68
N MET A 60 -8.96 -5.19 -14.04
CA MET A 60 -9.92 -6.13 -14.58
C MET A 60 -10.91 -6.54 -13.50
N SER A 61 -12.16 -6.77 -13.88
CA SER A 61 -13.13 -7.36 -12.97
C SER A 61 -13.42 -8.77 -13.45
N LEU A 62 -13.19 -9.75 -12.58
CA LEU A 62 -13.30 -11.17 -12.91
C LEU A 62 -14.43 -11.81 -12.13
N ALA A 63 -15.26 -12.59 -12.81
CA ALA A 63 -16.37 -13.31 -12.20
C ALA A 63 -16.03 -14.78 -12.06
N THR A 64 -16.19 -15.33 -10.86
CA THR A 64 -16.04 -16.76 -10.61
C THR A 64 -17.40 -17.32 -10.23
N ASN A 65 -17.75 -18.45 -10.82
CA ASN A 65 -19.08 -19.01 -10.66
C ASN A 65 -19.01 -20.31 -9.88
N GLU A 66 -20.02 -20.54 -9.05
CA GLU A 66 -20.04 -21.67 -8.15
C GLU A 66 -21.39 -22.39 -8.26
N THR A 67 -21.31 -23.70 -8.45
CA THR A 67 -22.47 -24.60 -8.65
C THR A 67 -23.66 -23.95 -9.34
N ASN A 78 -24.15 -19.19 -7.22
CA ASN A 78 -23.98 -17.75 -7.17
C ASN A 78 -22.62 -17.33 -7.74
N THR A 79 -22.36 -16.01 -7.81
CA THR A 79 -21.24 -15.47 -8.55
C THR A 79 -20.48 -14.45 -7.71
N GLU A 80 -19.16 -14.61 -7.63
CA GLU A 80 -18.29 -13.70 -6.90
C GLU A 80 -17.48 -12.84 -7.87
N TRP A 81 -17.41 -11.55 -7.60
CA TRP A 81 -16.67 -10.61 -8.42
C TRP A 81 -15.36 -10.22 -7.74
N HIS A 82 -14.29 -10.20 -8.51
CA HIS A 82 -12.96 -9.89 -7.99
C HIS A 82 -12.34 -8.77 -8.82
N ASP A 83 -11.76 -7.80 -8.13
CA ASP A 83 -10.95 -6.77 -8.79
C ASP A 83 -9.54 -7.31 -8.93
N VAL A 84 -9.08 -7.43 -10.18
CA VAL A 84 -7.75 -7.95 -10.48
C VAL A 84 -6.95 -6.85 -11.17
N VAL A 85 -5.72 -6.65 -10.73
CA VAL A 85 -4.83 -5.64 -11.29
C VAL A 85 -3.54 -6.34 -11.71
N ALA A 86 -2.99 -5.94 -12.85
CA ALA A 86 -1.75 -6.52 -13.34
C ALA A 86 -0.84 -5.38 -13.75
N TRP A 87 0.35 -5.36 -13.18
CA TRP A 87 1.35 -4.32 -13.42
C TRP A 87 2.31 -4.73 -14.51
N GLY A 88 2.92 -3.72 -15.13
CA GLY A 88 4.05 -3.98 -16.03
C GLY A 88 3.64 -4.70 -17.29
N ARG A 89 4.51 -5.62 -17.73
CA ARG A 89 4.27 -6.33 -18.98
C ARG A 89 3.06 -7.23 -18.87
N LEU A 90 2.92 -7.90 -17.71
CA LEU A 90 1.73 -8.70 -17.48
C LEU A 90 0.46 -7.89 -17.72
N GLY A 91 0.40 -6.67 -17.17
CA GLY A 91 -0.74 -5.80 -17.46
C GLY A 91 -0.94 -5.57 -18.95
N GLU A 92 0.14 -5.24 -19.66
CA GLU A 92 0.03 -5.00 -21.09
C GLU A 92 -0.52 -6.23 -21.82
N ILE A 93 0.01 -7.41 -21.49
CA ILE A 93 -0.43 -8.65 -22.13
C ILE A 93 -1.89 -8.95 -21.82
N CYS A 94 -2.29 -8.72 -20.57
CA CYS A 94 -3.70 -8.82 -20.23
C CYS A 94 -4.54 -7.93 -21.12
N ASN A 95 -4.17 -6.66 -21.22
CA ASN A 95 -4.97 -5.73 -22.00
C ASN A 95 -4.97 -6.08 -23.49
N GLU A 96 -3.89 -6.66 -23.99
CA GLU A 96 -3.83 -7.07 -25.39
C GLU A 96 -4.63 -8.33 -25.67
N TYR A 97 -4.70 -9.28 -24.73
CA TYR A 97 -5.20 -10.61 -25.04
C TYR A 97 -6.59 -10.90 -24.51
N LEU A 98 -6.96 -10.30 -23.38
CA LEU A 98 -8.27 -10.54 -22.79
C LEU A 98 -9.27 -9.48 -23.20
N ASP A 99 -10.52 -9.91 -23.36
CA ASP A 99 -11.64 -9.02 -23.63
C ASP A 99 -12.77 -9.40 -22.67
N LYS A 100 -13.84 -8.60 -22.72
CA LYS A 100 -15.02 -8.91 -21.93
C LYS A 100 -15.52 -10.32 -22.26
N GLY A 101 -15.71 -11.12 -21.20
CA GLY A 101 -16.20 -12.47 -21.34
C GLY A 101 -15.12 -13.52 -21.42
N SER A 102 -13.86 -13.13 -21.56
CA SER A 102 -12.80 -14.11 -21.71
C SER A 102 -12.68 -14.97 -20.46
N GLN A 103 -12.45 -16.27 -20.66
CA GLN A 103 -12.07 -17.14 -19.58
C GLN A 103 -10.56 -17.05 -19.33
N VAL A 104 -10.17 -16.81 -18.08
CA VAL A 104 -8.78 -16.51 -17.76
C VAL A 104 -8.44 -17.16 -16.42
N TYR A 105 -7.18 -17.55 -16.25
CA TYR A 105 -6.65 -18.02 -14.97
C TYR A 105 -5.67 -17.00 -14.42
N PHE A 106 -5.78 -16.71 -13.13
CA PHE A 106 -4.88 -15.78 -12.47
C PHE A 106 -4.26 -16.46 -11.27
N GLU A 107 -2.99 -16.19 -11.03
CA GLU A 107 -2.39 -16.45 -9.73
C GLU A 107 -1.89 -15.12 -9.19
N GLY A 108 -2.21 -14.81 -7.95
CA GLY A 108 -1.78 -13.57 -7.38
C GLY A 108 -1.82 -13.57 -5.87
N LYS A 109 -1.85 -12.35 -5.31
CA LYS A 109 -1.88 -12.17 -3.88
C LYS A 109 -2.89 -11.09 -3.53
N LEU A 110 -3.52 -11.29 -2.37
CA LEU A 110 -4.52 -10.38 -1.87
C LEU A 110 -3.87 -9.12 -1.32
N GLN A 111 -4.38 -7.96 -1.70
CA GLN A 111 -3.89 -6.68 -1.20
C GLN A 111 -5.05 -5.75 -0.90
N THR A 112 -4.98 -5.09 0.24
CA THR A 112 -6.01 -4.15 0.67
C THR A 112 -5.42 -2.76 0.75
N ARG A 113 -6.12 -1.81 0.15
CA ARG A 113 -5.78 -0.41 0.31
C ARG A 113 -6.84 0.29 1.15
N SER A 114 -6.44 1.39 1.77
CA SER A 114 -7.34 2.18 2.59
C SER A 114 -7.40 3.61 2.07
N TRP A 115 -8.48 4.30 2.44
CA TRP A 115 -8.71 5.67 2.02
C TRP A 115 -9.71 6.28 2.99
N GLU A 116 -9.82 7.61 2.98
CA GLU A 116 -10.74 8.31 3.86
C GLU A 116 -11.82 8.98 3.05
N ASP A 117 -13.08 8.82 3.48
CA ASP A 117 -14.23 9.31 2.71
C ASP A 117 -14.60 10.73 3.14
N ARG A 118 -15.75 11.20 2.64
CA ARG A 118 -16.22 12.53 2.93
C ARG A 118 -16.51 12.73 4.42
N ASP A 119 -16.74 11.64 5.16
CA ASP A 119 -17.05 11.71 6.58
C ASP A 119 -15.85 11.41 7.45
N ASN A 120 -14.66 11.31 6.87
CA ASN A 120 -13.43 11.02 7.60
C ASN A 120 -13.45 9.61 8.22
N ASN A 121 -14.12 8.66 7.61
CA ASN A 121 -14.03 7.27 8.02
C ASN A 121 -13.00 6.53 7.19
N THR A 122 -12.26 5.63 7.84
CA THR A 122 -11.26 4.84 7.13
C THR A 122 -11.96 3.68 6.40
N ARG A 123 -11.77 3.62 5.09
CA ARG A 123 -12.42 2.61 4.26
C ARG A 123 -11.37 1.72 3.63
N TYR A 124 -11.82 0.58 3.11
CA TYR A 124 -10.90 -0.44 2.63
C TYR A 124 -11.37 -0.99 1.30
N SER A 125 -10.41 -1.32 0.45
CA SER A 125 -10.67 -1.81 -0.90
C SER A 125 -9.69 -2.95 -1.16
N THR A 126 -10.21 -4.15 -1.44
CA THR A 126 -9.37 -5.32 -1.60
C THR A 126 -9.28 -5.72 -3.07
N GLU A 127 -8.06 -5.99 -3.54
CA GLU A 127 -7.85 -6.41 -4.93
C GLU A 127 -6.88 -7.58 -4.97
N VAL A 128 -6.92 -8.30 -6.08
CA VAL A 128 -5.99 -9.39 -6.37
C VAL A 128 -4.92 -8.84 -7.29
N LYS A 129 -3.68 -8.71 -6.78
CA LYS A 129 -2.60 -8.26 -7.64
C LYS A 129 -2.03 -9.49 -8.36
N ALA A 130 -2.23 -9.55 -9.68
CA ALA A 130 -1.96 -10.76 -10.43
C ALA A 130 -0.46 -10.94 -10.66
N GLN A 131 -0.01 -12.19 -10.57
CA GLN A 131 1.39 -12.50 -10.84
C GLN A 131 1.57 -13.45 -12.01
N GLU A 132 0.62 -14.34 -12.25
CA GLU A 132 0.58 -15.14 -13.46
C GLU A 132 -0.79 -14.98 -14.08
N MET A 133 -0.85 -15.18 -15.39
CA MET A 133 -2.07 -15.10 -16.16
C MET A 133 -2.04 -16.16 -17.26
N MET A 134 -3.12 -16.91 -17.42
CA MET A 134 -3.31 -17.78 -18.58
C MET A 134 -4.61 -17.44 -19.26
N PHE A 135 -4.54 -17.09 -20.54
CA PHE A 135 -5.72 -17.01 -21.40
C PHE A 135 -6.14 -18.43 -21.74
N LEU A 136 -7.43 -18.72 -21.60
CA LEU A 136 -7.90 -20.09 -21.84
C LEU A 136 -8.81 -20.22 -23.07
N MET B 29 20.35 24.31 7.97
CA MET B 29 19.55 23.61 8.96
C MET B 29 18.69 24.56 9.81
N ALA B 30 17.38 24.34 9.85
CA ALA B 30 16.47 25.23 10.55
C ALA B 30 16.46 24.92 12.05
N ARG B 31 16.15 25.95 12.85
CA ARG B 31 15.92 25.78 14.28
C ARG B 31 14.45 25.96 14.66
N GLY B 32 13.57 26.05 13.66
CA GLY B 32 12.16 26.15 13.92
C GLY B 32 11.44 26.08 12.60
N VAL B 33 10.13 25.91 12.68
CA VAL B 33 9.26 25.93 11.50
C VAL B 33 8.15 26.91 11.78
N ASN B 34 8.01 27.92 10.92
CA ASN B 34 6.97 28.94 11.02
C ASN B 34 6.45 29.17 9.61
N LYS B 35 5.40 28.44 9.24
CA LYS B 35 4.95 28.38 7.85
C LYS B 35 3.44 28.58 7.76
N VAL B 36 3.02 29.49 6.88
CA VAL B 36 1.62 29.74 6.59
C VAL B 36 1.38 29.49 5.11
N ILE B 37 0.27 28.84 4.79
CA ILE B 37 -0.15 28.59 3.41
C ILE B 37 -1.57 29.12 3.28
N LEU B 38 -1.77 30.06 2.36
CA LEU B 38 -3.05 30.70 2.13
C LEU B 38 -3.40 30.61 0.65
N ILE B 39 -4.67 30.35 0.36
CA ILE B 39 -5.22 30.56 -0.97
C ILE B 39 -6.51 31.32 -0.77
N GLY B 40 -6.60 32.49 -1.40
CA GLY B 40 -7.79 33.32 -1.25
C GLY B 40 -7.80 34.43 -2.26
N ASN B 41 -8.65 35.41 -1.99
CA ASN B 41 -8.88 36.53 -2.89
C ASN B 41 -8.58 37.82 -2.16
N LEU B 42 -7.99 38.78 -2.88
CA LEU B 42 -7.68 40.04 -2.24
C LEU B 42 -8.95 40.87 -2.08
N GLY B 43 -8.99 41.66 -1.02
CA GLY B 43 -10.16 42.46 -0.74
C GLY B 43 -10.10 43.86 -1.27
N ASP B 44 -8.90 44.26 -1.69
CA ASP B 44 -8.63 45.58 -2.22
C ASP B 44 -7.35 45.49 -3.03
N ASP B 45 -7.12 46.49 -3.87
CA ASP B 45 -5.88 46.58 -4.62
C ASP B 45 -4.70 46.66 -3.67
N PRO B 46 -3.60 45.97 -3.96
CA PRO B 46 -2.41 46.06 -3.10
C PRO B 46 -1.93 47.50 -2.95
N GLU B 47 -1.34 47.80 -1.79
CA GLU B 47 -0.75 49.10 -1.50
C GLU B 47 0.77 48.99 -1.48
N LEU B 48 1.46 49.94 -2.10
CA LEU B 48 2.92 49.94 -2.11
C LEU B 48 3.45 51.18 -1.40
N ARG B 49 4.40 50.98 -0.49
CA ARG B 49 5.14 52.05 0.18
C ARG B 49 6.60 51.62 0.18
N TYR B 50 7.48 52.54 0.58
CA TYR B 50 8.90 52.22 0.66
C TYR B 50 9.40 52.56 2.06
N THR B 51 10.31 51.74 2.57
CA THR B 51 10.95 52.02 3.84
C THR B 51 11.93 53.18 3.71
N GLY B 52 12.46 53.62 4.86
CA GLY B 52 13.52 54.61 4.85
C GLY B 52 14.71 54.19 4.00
N SER B 53 14.91 52.87 3.85
CA SER B 53 16.03 52.33 3.08
C SER B 53 15.81 52.42 1.57
N GLY B 54 14.57 52.59 1.12
CA GLY B 54 14.23 52.52 -0.28
C GLY B 54 13.69 51.19 -0.71
N THR B 55 13.49 50.27 0.24
CA THR B 55 12.99 48.93 -0.04
C THR B 55 11.47 48.93 -0.15
N ALA B 56 10.96 48.24 -1.18
CA ALA B 56 9.53 48.16 -1.41
C ALA B 56 8.86 47.32 -0.34
N VAL B 57 7.66 47.75 0.08
CA VAL B 57 6.81 47.03 1.02
C VAL B 57 5.40 47.06 0.50
N CYS B 58 4.85 45.88 0.21
CA CYS B 58 3.52 45.75 -0.35
C CYS B 58 2.60 45.12 0.70
N ASN B 59 1.56 45.87 1.10
CA ASN B 59 0.56 45.43 2.06
C ASN B 59 -0.71 45.02 1.32
N MET B 60 -1.25 43.85 1.66
CA MET B 60 -2.42 43.28 1.00
C MET B 60 -3.35 42.67 2.04
N SER B 61 -4.65 42.80 1.78
CA SER B 61 -5.70 42.18 2.59
C SER B 61 -6.26 40.98 1.84
N LEU B 62 -6.13 39.79 2.43
CA LEU B 62 -6.54 38.53 1.79
C LEU B 62 -7.67 37.87 2.58
N ALA B 63 -8.70 37.43 1.85
CA ALA B 63 -9.78 36.63 2.42
C ALA B 63 -9.60 35.16 2.05
N THR B 64 -9.64 34.29 3.04
CA THR B 64 -9.74 32.86 2.81
C THR B 64 -11.17 32.43 3.12
N ASN B 65 -11.79 31.72 2.19
CA ASN B 65 -13.20 31.39 2.30
C ASN B 65 -13.32 29.89 2.54
N GLU B 66 -13.74 29.54 3.73
CA GLU B 66 -14.07 28.16 4.07
C GLU B 66 -15.59 28.02 4.06
N THR B 67 -16.08 26.91 3.55
CA THR B 67 -17.52 26.66 3.52
C THR B 67 -17.75 25.18 3.76
N TYR B 68 -18.43 24.86 4.84
CA TYR B 68 -18.82 23.48 5.14
C TYR B 68 -20.34 23.38 5.19
N THR B 69 -20.84 22.18 5.48
CA THR B 69 -22.26 21.93 5.62
C THR B 69 -22.52 21.45 7.03
N ASP B 70 -23.42 22.15 7.74
CA ASP B 70 -23.73 21.83 9.13
C ASP B 70 -24.67 20.63 9.21
N SER B 71 -24.91 20.16 10.43
CA SER B 71 -25.78 19.02 10.67
C SER B 71 -27.23 19.31 10.33
N ASP B 72 -27.56 20.57 10.04
CA ASP B 72 -28.90 20.93 9.58
C ASP B 72 -29.01 21.07 8.07
N GLY B 73 -27.89 21.01 7.34
CA GLY B 73 -27.88 21.05 5.90
C GLY B 73 -27.54 22.38 5.29
N ASN B 74 -27.43 23.43 6.11
CA ASN B 74 -27.04 24.74 5.58
C ASN B 74 -25.61 24.70 5.07
N GLU B 75 -25.39 25.45 3.99
CA GLU B 75 -24.05 25.82 3.58
C GLU B 75 -23.66 27.05 4.37
N VAL B 76 -22.72 26.89 5.29
CA VAL B 76 -22.22 28.01 6.09
C VAL B 76 -20.90 28.47 5.49
N GLN B 77 -20.87 29.70 5.02
CA GLN B 77 -19.65 30.31 4.52
C GLN B 77 -18.99 31.08 5.65
N ASN B 78 -17.68 30.87 5.81
CA ASN B 78 -16.90 31.56 6.82
C ASN B 78 -15.63 32.11 6.19
N THR B 79 -15.45 33.42 6.27
CA THR B 79 -14.31 34.12 5.70
C THR B 79 -13.35 34.53 6.81
N GLU B 80 -12.06 34.35 6.57
CA GLU B 80 -11.01 34.87 7.44
C GLU B 80 -10.16 35.88 6.67
N TRP B 81 -9.90 37.03 7.29
CA TRP B 81 -9.13 38.11 6.67
C TRP B 81 -7.71 38.12 7.21
N HIS B 82 -6.74 38.18 6.30
CA HIS B 82 -5.33 38.17 6.66
C HIS B 82 -4.64 39.41 6.12
N ASP B 83 -3.65 39.88 6.86
CA ASP B 83 -2.77 40.94 6.41
C ASP B 83 -1.51 40.26 5.88
N VAL B 84 -1.32 40.30 4.56
CA VAL B 84 -0.14 39.75 3.92
C VAL B 84 0.74 40.90 3.49
N VAL B 85 2.04 40.76 3.70
CA VAL B 85 3.01 41.79 3.42
C VAL B 85 4.14 41.16 2.62
N ALA B 86 4.54 41.81 1.52
CA ALA B 86 5.61 41.31 0.67
C ALA B 86 6.65 42.41 0.52
N TRP B 87 7.93 42.00 0.57
CA TRP B 87 9.08 42.91 0.62
C TRP B 87 9.94 42.79 -0.62
N GLY B 88 10.55 43.91 -1.02
CA GLY B 88 11.53 43.85 -2.09
C GLY B 88 10.88 43.45 -3.41
N ARG B 89 11.61 42.65 -4.18
CA ARG B 89 11.17 42.34 -5.53
C ARG B 89 9.80 41.67 -5.53
N LEU B 90 9.55 40.78 -4.57
CA LEU B 90 8.27 40.05 -4.52
C LEU B 90 7.11 41.01 -4.28
N GLY B 91 7.30 42.01 -3.42
CA GLY B 91 6.26 43.01 -3.21
C GLY B 91 5.98 43.81 -4.47
N GLU B 92 7.05 44.23 -5.15
CA GLU B 92 6.89 44.88 -6.44
C GLU B 92 6.11 43.97 -7.41
N ILE B 93 6.43 42.68 -7.41
CA ILE B 93 5.69 41.75 -8.26
C ILE B 93 4.23 41.68 -7.84
N CYS B 94 3.97 41.67 -6.53
CA CYS B 94 2.59 41.65 -6.05
C CYS B 94 1.84 42.91 -6.46
N ASN B 95 2.45 44.08 -6.26
CA ASN B 95 1.77 45.34 -6.52
C ASN B 95 1.34 45.46 -7.98
N GLU B 96 2.11 44.86 -8.90
CA GLU B 96 1.81 45.03 -10.31
C GLU B 96 0.78 44.03 -10.80
N TYR B 97 0.97 42.74 -10.48
CA TYR B 97 0.14 41.71 -11.08
C TYR B 97 -1.21 41.54 -10.37
N LEU B 98 -1.28 41.78 -9.07
CA LEU B 98 -2.49 41.47 -8.32
C LEU B 98 -3.40 42.69 -8.25
N ASP B 99 -4.70 42.42 -8.17
CA ASP B 99 -5.72 43.45 -8.08
C ASP B 99 -6.76 42.98 -7.08
N LYS B 100 -7.61 43.90 -6.66
CA LYS B 100 -8.76 43.56 -5.84
C LYS B 100 -9.52 42.41 -6.49
N GLY B 101 -9.77 41.35 -5.70
CA GLY B 101 -10.47 40.18 -6.16
C GLY B 101 -9.60 39.06 -6.69
N SER B 102 -8.33 39.33 -7.00
CA SER B 102 -7.46 38.30 -7.55
C SER B 102 -7.39 37.09 -6.63
N GLN B 103 -7.49 35.90 -7.22
CA GLN B 103 -7.22 34.67 -6.49
C GLN B 103 -5.72 34.40 -6.48
N VAL B 104 -5.17 34.15 -5.29
CA VAL B 104 -3.72 34.12 -5.12
C VAL B 104 -3.35 33.11 -4.04
N TYR B 105 -2.18 32.50 -4.21
CA TYR B 105 -1.57 31.59 -3.27
C TYR B 105 -0.39 32.30 -2.61
N PHE B 106 -0.25 32.12 -1.30
CA PHE B 106 0.89 32.64 -0.55
C PHE B 106 1.47 31.57 0.35
N GLU B 107 2.78 31.52 0.39
CA GLU B 107 3.50 30.82 1.46
C GLU B 107 4.30 31.87 2.22
N GLY B 108 4.20 31.84 3.54
CA GLY B 108 4.93 32.82 4.31
C GLY B 108 5.06 32.41 5.76
N LYS B 109 5.49 33.36 6.58
CA LYS B 109 5.65 33.13 8.00
C LYS B 109 4.85 34.16 8.81
N LEU B 110 4.40 33.72 9.98
CA LEU B 110 3.72 34.61 10.92
C LEU B 110 4.71 35.50 11.63
N GLN B 111 4.39 36.79 11.71
CA GLN B 111 5.10 37.69 12.59
C GLN B 111 4.15 38.75 13.12
N THR B 112 4.39 39.17 14.35
CA THR B 112 3.61 40.20 15.00
C THR B 112 4.48 41.45 15.09
N ARG B 113 4.09 42.50 14.36
CA ARG B 113 4.79 43.77 14.40
C ARG B 113 4.05 44.75 15.32
N SER B 114 4.81 45.63 15.94
CA SER B 114 4.28 46.71 16.76
C SER B 114 4.17 47.99 15.95
N TRP B 115 3.41 48.94 16.48
CA TRP B 115 3.20 50.24 15.85
C TRP B 115 2.46 51.13 16.84
N GLU B 116 2.19 52.36 16.42
CA GLU B 116 1.64 53.40 17.31
C GLU B 116 0.30 53.94 16.83
N ASN B 120 -2.55 58.44 21.55
CA ASN B 120 -1.72 57.66 20.63
C ASN B 120 -0.67 56.84 21.41
N ASN B 121 -0.66 55.53 21.19
CA ASN B 121 0.20 54.61 21.96
C ASN B 121 0.39 53.32 21.16
N THR B 122 0.88 52.26 21.83
CA THR B 122 1.40 51.07 21.14
C THR B 122 0.35 50.01 20.90
N ARG B 123 0.36 49.46 19.69
CA ARG B 123 -0.59 48.44 19.29
C ARG B 123 0.15 47.43 18.42
N TYR B 124 -0.37 46.19 18.36
CA TYR B 124 0.31 45.09 17.67
C TYR B 124 -0.59 44.49 16.60
N SER B 125 0.04 43.95 15.54
CA SER B 125 -0.70 43.27 14.48
C SER B 125 0.05 42.02 14.05
N THR B 126 -0.68 40.93 13.83
CA THR B 126 -0.11 39.71 13.29
C THR B 126 -0.33 39.68 11.79
N GLU B 127 0.75 39.51 11.03
CA GLU B 127 0.68 39.53 9.58
C GLU B 127 1.47 38.36 9.02
N VAL B 128 1.16 37.97 7.79
CA VAL B 128 1.92 36.93 7.09
C VAL B 128 2.94 37.61 6.19
N LYS B 129 4.22 37.34 6.42
CA LYS B 129 5.27 37.85 5.54
C LYS B 129 5.47 36.81 4.43
N ALA B 130 5.09 37.19 3.21
CA ALA B 130 5.14 36.26 2.10
C ALA B 130 6.58 35.87 1.78
N GLN B 131 6.78 34.61 1.47
CA GLN B 131 8.03 34.13 0.91
C GLN B 131 7.87 33.65 -0.53
N GLU B 132 6.67 33.23 -0.90
CA GLU B 132 6.36 32.75 -2.23
C GLU B 132 4.97 33.24 -2.59
N MET B 133 4.79 33.63 -3.85
CA MET B 133 3.46 34.05 -4.30
C MET B 133 3.22 33.42 -5.66
N MET B 134 1.98 32.99 -5.88
CA MET B 134 1.56 32.47 -7.18
C MET B 134 0.22 33.07 -7.56
N PHE B 135 0.18 33.77 -8.70
CA PHE B 135 -1.08 34.30 -9.23
C PHE B 135 -1.94 33.17 -9.81
N LEU B 136 -3.14 32.99 -9.24
CA LEU B 136 -4.07 31.94 -9.68
C LEU B 136 -5.20 32.48 -10.54
N ASP B 137 -5.18 33.78 -10.87
CA ASP B 137 -6.20 34.48 -11.66
C ASP B 137 -7.55 34.54 -10.95
N GLY C 27 -20.48 19.10 -1.12
CA GLY C 27 -19.41 20.08 -0.97
C GLY C 27 -18.11 19.50 -0.45
N ALA C 28 -17.42 18.72 -1.29
CA ALA C 28 -16.11 18.18 -0.95
C ALA C 28 -14.96 18.98 -1.53
N MET C 29 -15.24 19.98 -2.36
CA MET C 29 -14.20 20.87 -2.84
C MET C 29 -13.98 22.00 -1.83
N ALA C 30 -12.70 22.30 -1.60
CA ALA C 30 -12.33 23.39 -0.69
C ALA C 30 -12.47 24.73 -1.40
N ARG C 31 -13.02 25.72 -0.70
CA ARG C 31 -13.16 27.05 -1.28
C ARG C 31 -12.00 27.98 -0.94
N GLY C 32 -11.15 27.59 0.00
CA GLY C 32 -9.94 28.31 0.34
C GLY C 32 -8.98 27.38 1.05
N VAL C 33 -7.83 27.94 1.44
CA VAL C 33 -6.81 27.23 2.19
C VAL C 33 -6.26 28.18 3.24
N ASN C 34 -6.29 27.75 4.51
CA ASN C 34 -5.82 28.52 5.66
C ASN C 34 -5.11 27.52 6.57
N LYS C 35 -3.80 27.38 6.38
CA LYS C 35 -3.00 26.34 7.01
C LYS C 35 -1.79 26.98 7.67
N VAL C 36 -1.56 26.62 8.93
CA VAL C 36 -0.36 27.02 9.67
C VAL C 36 0.36 25.76 10.11
N ILE C 37 1.69 25.80 10.04
CA ILE C 37 2.54 24.72 10.52
C ILE C 37 3.64 25.34 11.39
N LEU C 38 3.77 24.85 12.61
CA LEU C 38 4.66 25.44 13.62
C LEU C 38 5.42 24.31 14.28
N ILE C 39 6.73 24.51 14.43
CA ILE C 39 7.58 23.72 15.32
C ILE C 39 8.39 24.70 16.14
N GLY C 40 8.37 24.56 17.46
CA GLY C 40 9.07 25.46 18.36
C GLY C 40 8.97 25.00 19.79
N ASN C 41 9.10 25.92 20.74
CA ASN C 41 9.07 25.58 22.17
C ASN C 41 8.11 26.48 22.92
N LEU C 42 7.49 25.93 23.96
CA LEU C 42 6.55 26.67 24.77
C LEU C 42 7.31 27.65 25.66
N GLY C 43 6.80 28.88 25.73
CA GLY C 43 7.41 29.87 26.58
C GLY C 43 6.99 29.79 28.02
N ASP C 44 5.85 29.15 28.28
CA ASP C 44 5.36 28.93 29.64
C ASP C 44 4.53 27.66 29.64
N ASP C 45 4.16 27.20 30.84
CA ASP C 45 3.31 26.02 30.94
C ASP C 45 1.94 26.32 30.32
N PRO C 46 1.34 25.36 29.63
CA PRO C 46 0.00 25.60 29.06
C PRO C 46 -0.98 26.03 30.13
N GLU C 47 -1.97 26.80 29.71
CA GLU C 47 -3.10 27.15 30.56
C GLU C 47 -4.35 26.48 30.03
N LEU C 48 -5.07 25.79 30.92
CA LEU C 48 -6.25 25.01 30.56
C LEU C 48 -7.43 25.52 31.36
N ARG C 49 -8.54 25.76 30.68
CA ARG C 49 -9.80 26.16 31.31
C ARG C 49 -10.95 25.36 30.67
N TYR C 50 -12.11 25.43 31.29
CA TYR C 50 -13.30 24.76 30.78
C TYR C 50 -14.43 25.77 30.60
N THR C 51 -15.26 25.53 29.59
CA THR C 51 -16.48 26.29 29.44
C THR C 51 -17.52 25.77 30.44
N GLY C 52 -18.65 26.48 30.53
CA GLY C 52 -19.69 26.04 31.45
C GLY C 52 -20.18 24.63 31.15
N SER C 53 -20.22 24.26 29.87
CA SER C 53 -20.58 22.92 29.43
C SER C 53 -19.46 21.91 29.63
N GLY C 54 -18.27 22.33 30.00
CA GLY C 54 -17.21 21.40 30.32
C GLY C 54 -16.17 21.17 29.24
N THR C 55 -16.32 21.82 28.08
CA THR C 55 -15.34 21.70 27.00
C THR C 55 -14.02 22.35 27.41
N ALA C 56 -12.92 21.67 27.12
CA ALA C 56 -11.59 22.17 27.48
C ALA C 56 -11.08 23.15 26.42
N VAL C 57 -10.44 24.21 26.89
CA VAL C 57 -9.74 25.18 26.04
C VAL C 57 -8.34 25.38 26.61
N CYS C 58 -7.32 25.04 25.84
CA CYS C 58 -5.93 25.15 26.26
C CYS C 58 -5.23 26.23 25.43
N ASN C 59 -4.82 27.30 26.09
CA ASN C 59 -4.08 28.40 25.46
C ASN C 59 -2.59 28.23 25.74
N MET C 60 -1.77 28.42 24.72
CA MET C 60 -0.34 28.23 24.79
C MET C 60 0.39 29.31 24.00
N SER C 61 1.61 29.60 24.43
CA SER C 61 2.48 30.58 23.79
C SER C 61 3.70 29.83 23.26
N LEU C 62 3.87 29.87 21.94
CA LEU C 62 4.88 29.08 21.25
C LEU C 62 5.94 30.01 20.65
N ALA C 63 7.20 29.77 20.99
CA ALA C 63 8.32 30.48 20.38
C ALA C 63 8.85 29.66 19.21
N THR C 64 9.00 30.31 18.07
CA THR C 64 9.71 29.70 16.94
C THR C 64 10.97 30.51 16.70
N ASN C 65 12.09 29.79 16.55
CA ASN C 65 13.41 30.37 16.51
C ASN C 65 13.99 30.23 15.11
N GLU C 66 14.83 31.19 14.75
CA GLU C 66 15.37 31.29 13.41
C GLU C 66 16.74 31.96 13.48
N THR C 67 17.71 31.41 12.77
CA THR C 67 19.07 31.97 12.76
C THR C 67 19.70 31.99 11.36
N VAL C 76 22.24 36.27 12.84
CA VAL C 76 20.88 36.67 13.22
C VAL C 76 20.27 35.69 14.21
N GLN C 77 19.82 36.19 15.36
CA GLN C 77 19.15 35.39 16.37
C GLN C 77 17.78 36.03 16.62
N ASN C 78 16.74 35.47 16.03
CA ASN C 78 15.40 36.06 16.13
C ASN C 78 14.36 35.01 16.52
N THR C 79 13.43 35.43 17.37
CA THR C 79 12.35 34.60 17.86
C THR C 79 11.03 35.21 17.43
N GLU C 80 10.03 34.36 17.25
CA GLU C 80 8.66 34.79 16.99
C GLU C 80 7.73 34.08 17.96
N TRP C 81 6.76 34.82 18.51
CA TRP C 81 5.84 34.28 19.51
C TRP C 81 4.43 34.15 18.94
N HIS C 82 3.82 32.97 19.13
CA HIS C 82 2.50 32.65 18.59
C HIS C 82 1.54 32.25 19.71
N ASP C 83 0.30 32.75 19.63
CA ASP C 83 -0.75 32.35 20.54
C ASP C 83 -1.49 31.17 19.92
N VAL C 84 -1.30 29.99 20.49
CA VAL C 84 -1.94 28.76 20.02
C VAL C 84 -3.01 28.36 21.02
N VAL C 85 -4.16 27.93 20.50
CA VAL C 85 -5.29 27.47 21.30
C VAL C 85 -5.75 26.11 20.80
N ALA C 86 -6.04 25.21 21.74
CA ALA C 86 -6.49 23.87 21.42
C ALA C 86 -7.78 23.59 22.18
N TRP C 87 -8.79 23.10 21.47
CA TRP C 87 -10.07 22.76 22.07
C TRP C 87 -10.20 21.26 22.25
N GLY C 88 -11.13 20.87 23.12
CA GLY C 88 -11.50 19.49 23.32
C GLY C 88 -10.37 18.63 23.84
N ARG C 89 -10.45 17.33 23.58
CA ARG C 89 -9.40 16.41 24.03
C ARG C 89 -8.02 16.89 23.60
N LEU C 90 -7.88 17.46 22.39
CA LEU C 90 -6.58 17.96 21.99
C LEU C 90 -6.03 18.99 22.99
N GLY C 91 -6.92 19.77 23.61
CA GLY C 91 -6.47 20.70 24.63
C GLY C 91 -6.07 20.02 25.92
N GLU C 92 -6.80 18.97 26.31
CA GLU C 92 -6.40 18.25 27.52
C GLU C 92 -5.08 17.53 27.32
N ILE C 93 -4.85 16.95 26.15
CA ILE C 93 -3.59 16.24 25.92
C ILE C 93 -2.42 17.22 25.94
N CYS C 94 -2.63 18.44 25.44
CA CYS C 94 -1.56 19.44 25.46
C CYS C 94 -1.21 19.83 26.89
N ASN C 95 -2.23 20.13 27.69
CA ASN C 95 -1.98 20.60 29.04
C ASN C 95 -1.34 19.53 29.93
N GLU C 96 -1.54 18.26 29.61
CA GLU C 96 -0.95 17.15 30.36
C GLU C 96 0.47 16.79 29.92
N TYR C 97 0.78 16.89 28.63
CA TYR C 97 2.04 16.39 28.10
C TYR C 97 3.11 17.46 27.94
N LEU C 98 2.72 18.72 27.82
CA LEU C 98 3.62 19.83 27.53
C LEU C 98 3.89 20.69 28.77
N ASP C 99 5.11 21.22 28.86
CA ASP C 99 5.49 22.17 29.90
C ASP C 99 6.31 23.29 29.24
N LYS C 100 6.75 24.27 30.04
CA LYS C 100 7.64 25.30 29.52
C LYS C 100 8.85 24.63 28.87
N GLY C 101 9.24 25.15 27.71
CA GLY C 101 10.39 24.62 26.98
C GLY C 101 10.12 23.40 26.10
N SER C 102 8.93 22.84 26.13
CA SER C 102 8.65 21.63 25.35
C SER C 102 8.69 21.93 23.88
N GLN C 103 9.49 21.15 23.14
CA GLN C 103 9.47 21.21 21.68
C GLN C 103 8.21 20.52 21.18
N VAL C 104 7.49 21.15 20.25
CA VAL C 104 6.18 20.66 19.87
C VAL C 104 5.88 21.11 18.46
N TYR C 105 5.12 20.29 17.74
CA TYR C 105 4.65 20.59 16.39
C TYR C 105 3.16 20.83 16.43
N PHE C 106 2.71 21.87 15.74
CA PHE C 106 1.29 22.15 15.61
C PHE C 106 0.95 22.34 14.14
N GLU C 107 -0.23 21.87 13.78
CA GLU C 107 -0.85 22.25 12.52
C GLU C 107 -2.20 22.87 12.86
N GLY C 108 -2.45 24.05 12.33
CA GLY C 108 -3.72 24.70 12.58
C GLY C 108 -4.06 25.73 11.53
N LYS C 109 -5.00 26.60 11.89
CA LYS C 109 -5.44 27.65 11.01
C LYS C 109 -5.46 28.98 11.76
N LEU C 110 -5.28 30.06 11.00
CA LEU C 110 -5.29 31.41 11.53
C LEU C 110 -6.70 31.89 11.80
N GLN C 111 -6.89 32.49 12.96
CA GLN C 111 -8.19 33.09 13.31
C GLN C 111 -7.95 34.39 14.05
N THR C 112 -8.62 35.45 13.62
CA THR C 112 -8.51 36.75 14.27
C THR C 112 -9.83 37.06 14.96
N ARG C 113 -9.76 37.40 16.24
CA ARG C 113 -10.92 37.85 17.00
C ARG C 113 -10.84 39.36 17.18
N SER C 114 -11.99 40.01 17.25
CA SER C 114 -11.98 41.45 17.44
C SER C 114 -12.63 41.80 18.77
N TRP C 115 -12.27 42.96 19.31
CA TRP C 115 -12.87 43.47 20.54
C TRP C 115 -12.73 44.98 20.55
N GLU C 116 -13.47 45.62 21.46
CA GLU C 116 -13.49 47.07 21.55
C GLU C 116 -12.94 47.52 22.90
N ASP C 117 -11.99 48.45 22.88
CA ASP C 117 -11.32 48.88 24.10
C ASP C 117 -12.08 50.02 24.77
N ARG C 118 -11.48 50.56 25.83
CA ARG C 118 -12.16 51.58 26.63
C ARG C 118 -12.29 52.88 25.84
N ASP C 119 -11.39 53.10 24.87
CA ASP C 119 -11.44 54.21 23.94
C ASP C 119 -12.30 53.93 22.72
N ASN C 120 -13.11 52.87 22.76
CA ASN C 120 -14.10 52.53 21.72
C ASN C 120 -13.46 52.21 20.38
N ASN C 121 -12.17 51.94 20.32
CA ASN C 121 -11.52 51.49 19.10
C ASN C 121 -11.69 49.98 18.93
N THR C 122 -11.79 49.55 17.67
CA THR C 122 -11.93 48.13 17.39
C THR C 122 -10.55 47.54 17.25
N ARG C 123 -10.22 46.59 18.12
CA ARG C 123 -8.92 45.99 18.17
C ARG C 123 -9.01 44.49 17.86
N TYR C 124 -7.96 43.97 17.26
CA TYR C 124 -7.93 42.62 16.73
C TYR C 124 -6.87 41.80 17.44
N SER C 125 -7.07 40.49 17.44
CA SER C 125 -6.13 39.58 18.09
C SER C 125 -6.13 38.25 17.35
N THR C 126 -4.96 37.79 16.96
CA THR C 126 -4.83 36.62 16.08
C THR C 126 -4.31 35.41 16.84
N GLU C 127 -4.97 34.27 16.63
CA GLU C 127 -4.54 32.99 17.18
C GLU C 127 -4.29 31.99 16.07
N VAL C 128 -3.54 30.96 16.43
CA VAL C 128 -3.49 29.71 15.69
C VAL C 128 -4.38 28.72 16.42
N LYS C 129 -5.44 28.26 15.78
CA LYS C 129 -6.29 27.24 16.36
C LYS C 129 -5.74 25.87 15.95
N ALA C 130 -5.36 25.05 16.91
CA ALA C 130 -4.66 23.81 16.59
C ALA C 130 -5.65 22.70 16.29
N GLN C 131 -5.34 21.92 15.25
CA GLN C 131 -6.09 20.74 14.88
C GLN C 131 -5.30 19.47 15.09
N GLU C 132 -3.97 19.54 15.09
CA GLU C 132 -3.07 18.40 15.21
C GLU C 132 -1.90 18.80 16.11
N MET C 133 -1.35 17.84 16.85
CA MET C 133 -0.20 18.11 17.70
C MET C 133 0.70 16.88 17.78
N MET C 134 2.01 17.10 17.72
CA MET C 134 3.02 16.07 18.05
C MET C 134 3.94 16.59 19.13
N PHE C 135 4.23 15.74 20.13
CA PHE C 135 5.02 16.17 21.28
C PHE C 135 6.52 16.22 20.97
N LEU C 136 7.04 15.36 20.10
CA LEU C 136 8.47 15.42 19.75
C LEU C 136 9.37 15.22 20.98
N ASN D 22 -16.02 9.03 29.23
CA ASN D 22 -14.78 9.25 29.96
C ASN D 22 -13.56 8.68 29.24
N LEU D 23 -13.67 7.44 28.73
CA LEU D 23 -12.54 6.66 28.23
C LEU D 23 -12.61 6.51 26.71
N TYR D 24 -11.46 6.61 26.06
CA TYR D 24 -11.37 6.62 24.60
C TYR D 24 -10.39 5.54 24.14
N PHE D 25 -10.36 5.31 22.81
CA PHE D 25 -9.55 4.23 22.26
C PHE D 25 -8.09 4.66 22.06
N GLN D 26 -7.85 5.87 21.58
CA GLN D 26 -6.48 6.34 21.41
C GLN D 26 -6.36 7.77 21.91
N GLY D 27 -5.11 8.21 22.10
CA GLY D 27 -4.86 9.62 22.31
C GLY D 27 -5.01 10.42 21.04
N ALA D 28 -5.14 11.74 21.19
CA ALA D 28 -5.35 12.64 20.07
C ALA D 28 -4.05 13.28 19.58
N MET D 29 -2.93 12.57 19.68
CA MET D 29 -1.63 13.10 19.29
C MET D 29 -1.17 12.39 18.02
N ALA D 30 -0.70 13.17 17.05
CA ALA D 30 -0.21 12.59 15.81
C ALA D 30 1.09 11.82 16.06
N ARG D 31 1.28 10.73 15.31
CA ARG D 31 2.50 9.95 15.40
C ARG D 31 3.51 10.29 14.30
N GLY D 32 3.14 11.12 13.33
CA GLY D 32 4.06 11.55 12.28
C GLY D 32 3.32 12.45 11.32
N VAL D 33 4.09 13.04 10.40
CA VAL D 33 3.52 13.96 9.40
C VAL D 33 3.95 13.52 8.01
N ASN D 34 2.98 13.43 7.09
CA ASN D 34 3.14 13.02 5.69
C ASN D 34 2.17 13.89 4.89
N LYS D 35 2.67 15.02 4.39
CA LYS D 35 1.84 16.08 3.84
C LYS D 35 2.40 16.53 2.50
N VAL D 36 1.57 16.49 1.46
CA VAL D 36 1.93 16.93 0.12
C VAL D 36 1.01 18.07 -0.26
N ILE D 37 1.57 19.13 -0.85
CA ILE D 37 0.78 20.25 -1.35
C ILE D 37 1.21 20.54 -2.80
N LEU D 38 0.25 20.58 -3.71
CA LEU D 38 0.51 20.74 -5.13
C LEU D 38 -0.41 21.77 -5.74
N ILE D 39 0.14 22.64 -6.58
CA ILE D 39 -0.67 23.41 -7.51
C ILE D 39 -0.07 23.22 -8.90
N GLY D 40 -0.89 22.78 -9.84
CA GLY D 40 -0.42 22.59 -11.20
C GLY D 40 -1.55 22.42 -12.19
N ASN D 41 -1.20 21.85 -13.34
CA ASN D 41 -2.15 21.61 -14.41
C ASN D 41 -2.15 20.15 -14.79
N LEU D 42 -3.34 19.62 -15.07
CA LEU D 42 -3.42 18.22 -15.47
C LEU D 42 -2.88 18.01 -16.86
N GLY D 43 -2.13 16.91 -17.04
CA GLY D 43 -1.64 16.53 -18.35
C GLY D 43 -2.68 15.89 -19.22
N ASP D 44 -3.72 15.32 -18.62
CA ASP D 44 -4.76 14.65 -19.38
C ASP D 44 -6.04 14.67 -18.57
N ASP D 45 -7.14 14.32 -19.24
CA ASP D 45 -8.42 14.23 -18.55
C ASP D 45 -8.34 13.20 -17.44
N PRO D 46 -8.98 13.44 -16.30
CA PRO D 46 -8.99 12.43 -15.24
C PRO D 46 -9.54 11.10 -15.75
N GLU D 47 -9.01 10.01 -15.22
CA GLU D 47 -9.48 8.66 -15.50
C GLU D 47 -10.28 8.15 -14.30
N LEU D 48 -11.56 7.90 -14.49
CA LEU D 48 -12.40 7.45 -13.39
C LEU D 48 -12.81 5.99 -13.62
N ARG D 49 -12.60 5.16 -12.59
CA ARG D 49 -13.04 3.77 -12.61
C ARG D 49 -13.74 3.45 -11.30
N TYR D 50 -14.35 2.27 -11.26
CA TYR D 50 -15.08 1.80 -10.10
C TYR D 50 -14.64 0.39 -9.75
N THR D 51 -14.43 0.14 -8.45
CA THR D 51 -14.22 -1.20 -7.96
C THR D 51 -15.50 -2.02 -8.14
N GLY D 52 -15.37 -3.33 -7.89
CA GLY D 52 -16.54 -4.20 -7.97
C GLY D 52 -17.64 -3.79 -7.01
N SER D 53 -17.30 -3.09 -5.93
CA SER D 53 -18.23 -2.65 -4.90
C SER D 53 -18.83 -1.28 -5.17
N GLY D 54 -18.49 -0.65 -6.28
CA GLY D 54 -19.02 0.67 -6.57
C GLY D 54 -18.16 1.83 -6.12
N THR D 55 -17.02 1.57 -5.46
CA THR D 55 -16.18 2.64 -4.98
C THR D 55 -15.44 3.28 -6.15
N ALA D 56 -15.50 4.60 -6.24
CA ALA D 56 -14.84 5.34 -7.30
C ALA D 56 -13.38 5.56 -6.98
N VAL D 57 -12.55 5.51 -8.03
CA VAL D 57 -11.11 5.76 -7.94
C VAL D 57 -10.74 6.61 -9.14
N CYS D 58 -10.24 7.81 -8.90
CA CYS D 58 -9.88 8.71 -10.00
C CYS D 58 -8.38 8.89 -9.99
N ASN D 59 -7.75 8.57 -11.11
CA ASN D 59 -6.31 8.77 -11.32
C ASN D 59 -6.10 9.96 -12.23
N MET D 60 -5.14 10.80 -11.86
CA MET D 60 -4.82 12.02 -12.59
C MET D 60 -3.31 12.17 -12.64
N SER D 61 -2.83 12.81 -13.70
CA SER D 61 -1.43 13.14 -13.85
C SER D 61 -1.30 14.65 -13.78
N LEU D 62 -0.47 15.15 -12.88
CA LEU D 62 -0.40 16.59 -12.61
C LEU D 62 1.01 17.12 -12.87
N ALA D 63 1.10 18.20 -13.64
CA ALA D 63 2.37 18.89 -13.88
C ALA D 63 2.53 20.08 -12.95
N THR D 64 3.66 20.17 -12.28
CA THR D 64 4.06 21.38 -11.57
C THR D 64 5.28 21.95 -12.27
N ASN D 65 5.20 23.23 -12.63
CA ASN D 65 6.19 23.91 -13.45
C ASN D 65 7.03 24.86 -12.58
N GLU D 66 8.24 25.14 -13.07
CA GLU D 66 9.13 26.07 -12.38
C GLU D 66 10.22 26.55 -13.33
N THR D 67 10.80 27.71 -13.00
CA THR D 67 12.02 28.19 -13.67
C THR D 67 13.04 28.69 -12.65
N GLN D 77 12.70 26.42 -18.24
CA GLN D 77 11.46 25.79 -17.77
C GLN D 77 11.60 24.29 -17.41
N ASN D 78 11.10 23.92 -16.23
CA ASN D 78 11.20 22.59 -15.68
C ASN D 78 9.82 22.13 -15.22
N THR D 79 9.56 20.83 -15.31
CA THR D 79 8.22 20.29 -15.10
C THR D 79 8.29 18.94 -14.42
N GLU D 80 7.64 18.80 -13.27
CA GLU D 80 7.55 17.52 -12.57
C GLU D 80 6.15 16.96 -12.75
N TRP D 81 6.07 15.66 -12.98
CA TRP D 81 4.80 14.97 -13.14
C TRP D 81 4.49 14.11 -11.91
N HIS D 82 3.27 14.23 -11.40
CA HIS D 82 2.85 13.53 -10.19
C HIS D 82 1.64 12.69 -10.54
N ASP D 83 1.63 11.46 -10.03
CA ASP D 83 0.44 10.62 -10.08
C ASP D 83 -0.41 10.96 -8.87
N VAL D 84 -1.60 11.48 -9.11
CA VAL D 84 -2.53 11.82 -8.04
C VAL D 84 -3.71 10.88 -8.14
N VAL D 85 -4.15 10.34 -7.00
CA VAL D 85 -5.30 9.44 -6.97
C VAL D 85 -6.29 9.97 -5.94
N ALA D 86 -7.58 9.95 -6.29
CA ALA D 86 -8.63 10.44 -5.42
C ALA D 86 -9.78 9.44 -5.35
N TRP D 87 -10.15 9.07 -4.14
CA TRP D 87 -11.15 8.05 -3.90
C TRP D 87 -12.51 8.66 -3.58
N GLY D 88 -13.55 7.85 -3.79
CA GLY D 88 -14.89 8.23 -3.34
C GLY D 88 -15.45 9.43 -4.08
N ARG D 89 -16.34 10.17 -3.41
CA ARG D 89 -16.92 11.34 -4.04
C ARG D 89 -15.86 12.38 -4.41
N LEU D 90 -14.72 12.40 -3.73
CA LEU D 90 -13.69 13.35 -4.12
C LEU D 90 -13.18 13.02 -5.52
N GLY D 91 -13.03 11.72 -5.83
CA GLY D 91 -12.56 11.34 -7.15
C GLY D 91 -13.62 11.55 -8.22
N GLU D 92 -14.89 11.30 -7.89
CA GLU D 92 -15.97 11.66 -8.81
C GLU D 92 -15.99 13.16 -9.08
N ILE D 93 -15.84 13.97 -8.02
CA ILE D 93 -15.81 15.41 -8.22
C ILE D 93 -14.64 15.80 -9.12
N CYS D 94 -13.49 15.14 -8.95
CA CYS D 94 -12.33 15.48 -9.75
C CYS D 94 -12.62 15.27 -11.22
N ASN D 95 -13.27 14.15 -11.54
CA ASN D 95 -13.51 13.76 -12.92
C ASN D 95 -14.66 14.52 -13.55
N GLU D 96 -15.55 15.09 -12.75
CA GLU D 96 -16.65 15.89 -13.26
C GLU D 96 -16.29 17.35 -13.46
N TYR D 97 -15.31 17.88 -12.71
CA TYR D 97 -14.90 19.28 -12.80
C TYR D 97 -13.63 19.49 -13.60
N LEU D 98 -12.66 18.59 -13.49
CA LEU D 98 -11.32 18.81 -14.04
C LEU D 98 -11.17 18.20 -15.43
N ASP D 99 -10.39 18.88 -16.26
CA ASP D 99 -10.07 18.43 -17.61
C ASP D 99 -8.58 18.61 -17.85
N LYS D 100 -8.15 18.21 -19.05
CA LYS D 100 -6.77 18.41 -19.45
C LYS D 100 -6.41 19.89 -19.36
N GLY D 101 -5.26 20.19 -18.77
CA GLY D 101 -4.83 21.57 -18.58
C GLY D 101 -5.48 22.31 -17.44
N SER D 102 -6.44 21.70 -16.73
CA SER D 102 -7.10 22.42 -15.65
C SER D 102 -6.11 22.76 -14.55
N GLN D 103 -6.22 23.96 -13.99
CA GLN D 103 -5.43 24.34 -12.84
C GLN D 103 -6.14 23.87 -11.58
N VAL D 104 -5.37 23.28 -10.67
CA VAL D 104 -5.97 22.59 -9.54
C VAL D 104 -4.96 22.59 -8.40
N TYR D 105 -5.49 22.64 -7.18
CA TYR D 105 -4.69 22.49 -5.97
C TYR D 105 -5.03 21.15 -5.32
N PHE D 106 -4.01 20.44 -4.88
CA PHE D 106 -4.22 19.20 -4.16
C PHE D 106 -3.47 19.28 -2.84
N GLU D 107 -4.09 18.69 -1.83
CA GLU D 107 -3.42 18.36 -0.60
C GLU D 107 -3.58 16.88 -0.40
N GLY D 108 -2.49 16.18 -0.15
CA GLY D 108 -2.59 14.77 0.17
C GLY D 108 -1.38 14.22 0.88
N LYS D 109 -1.24 12.90 0.82
CA LYS D 109 -0.12 12.20 1.42
C LYS D 109 0.64 11.39 0.38
N LEU D 110 1.92 11.16 0.67
CA LEU D 110 2.79 10.37 -0.18
C LEU D 110 2.59 8.90 0.12
N GLN D 111 2.47 8.09 -0.94
CA GLN D 111 2.29 6.65 -0.80
C GLN D 111 3.07 5.93 -1.89
N THR D 112 3.86 4.94 -1.50
CA THR D 112 4.53 4.06 -2.42
C THR D 112 3.92 2.67 -2.29
N ARG D 113 3.55 2.10 -3.44
CA ARG D 113 3.12 0.72 -3.54
C ARG D 113 4.08 -0.01 -4.45
N SER D 114 4.24 -1.31 -4.23
CA SER D 114 5.24 -2.07 -4.95
C SER D 114 4.61 -3.17 -5.79
N TRP D 115 5.44 -3.77 -6.65
CA TRP D 115 5.02 -4.82 -7.54
C TRP D 115 6.25 -5.55 -8.01
N GLU D 116 6.04 -6.70 -8.65
CA GLU D 116 7.11 -7.54 -9.16
C GLU D 116 7.06 -7.60 -10.68
N ASP D 117 8.18 -7.29 -11.34
CA ASP D 117 8.25 -7.44 -12.78
C ASP D 117 8.66 -8.88 -13.15
N ARG D 118 8.68 -9.16 -14.46
CA ARG D 118 8.91 -10.53 -14.92
C ARG D 118 10.34 -11.01 -14.67
N ASP D 119 11.26 -10.09 -14.40
CA ASP D 119 12.57 -10.49 -13.90
C ASP D 119 12.57 -10.76 -12.40
N ASN D 120 11.39 -10.71 -11.76
CA ASN D 120 11.24 -10.96 -10.33
C ASN D 120 12.02 -9.94 -9.48
N ASN D 121 12.05 -8.69 -9.93
CA ASN D 121 12.66 -7.62 -9.16
C ASN D 121 11.54 -6.76 -8.58
N THR D 122 11.63 -6.50 -7.28
CA THR D 122 10.66 -5.65 -6.61
C THR D 122 10.79 -4.21 -7.12
N ARG D 123 9.68 -3.64 -7.56
CA ARG D 123 9.65 -2.32 -8.16
C ARG D 123 8.69 -1.44 -7.37
N TYR D 124 8.88 -0.14 -7.45
CA TYR D 124 8.14 0.83 -6.66
C TYR D 124 7.50 1.88 -7.55
N SER D 125 6.30 2.29 -7.19
CA SER D 125 5.64 3.43 -7.84
C SER D 125 5.00 4.26 -6.75
N THR D 126 5.26 5.55 -6.78
CA THR D 126 4.84 6.47 -5.76
C THR D 126 3.73 7.36 -6.31
N GLU D 127 2.68 7.53 -5.52
CA GLU D 127 1.57 8.39 -5.92
C GLU D 127 1.23 9.30 -4.75
N VAL D 128 0.41 10.31 -5.04
CA VAL D 128 -0.11 11.25 -4.05
C VAL D 128 -1.59 10.93 -3.88
N LYS D 129 -1.99 10.51 -2.69
CA LYS D 129 -3.39 10.23 -2.44
C LYS D 129 -4.04 11.52 -1.97
N ALA D 130 -4.98 12.03 -2.75
CA ALA D 130 -5.52 13.35 -2.52
C ALA D 130 -6.54 13.30 -1.40
N GLN D 131 -6.46 14.27 -0.48
CA GLN D 131 -7.48 14.45 0.53
C GLN D 131 -8.26 15.74 0.35
N GLU D 132 -7.67 16.74 -0.30
CA GLU D 132 -8.35 17.98 -0.62
C GLU D 132 -8.04 18.36 -2.05
N MET D 133 -9.01 18.99 -2.69
CA MET D 133 -8.88 19.47 -4.04
C MET D 133 -9.60 20.81 -4.12
N MET D 134 -8.97 21.78 -4.77
CA MET D 134 -9.61 23.05 -5.09
C MET D 134 -9.43 23.26 -6.58
N PHE D 135 -10.56 23.40 -7.30
CA PHE D 135 -10.52 23.74 -8.72
C PHE D 135 -10.20 25.23 -8.84
N LEU D 136 -9.16 25.54 -9.61
CA LEU D 136 -8.66 26.91 -9.70
C LEU D 136 -8.94 27.51 -11.08
N MET E 29 -9.92 -29.52 12.11
CA MET E 29 -8.59 -29.28 11.59
C MET E 29 -8.19 -30.31 10.53
N ALA E 30 -7.06 -30.05 9.86
CA ALA E 30 -6.64 -30.80 8.69
C ALA E 30 -5.56 -31.84 8.95
N ARG E 31 -4.66 -31.58 9.92
CA ARG E 31 -3.53 -32.46 10.25
C ARG E 31 -2.45 -32.45 9.18
N GLY E 32 -2.83 -32.21 7.92
CA GLY E 32 -1.80 -31.99 6.92
C GLY E 32 -2.36 -31.26 5.73
N VAL E 33 -1.46 -30.79 4.88
CA VAL E 33 -1.83 -30.20 3.59
C VAL E 33 -1.11 -30.99 2.50
N ASN E 34 -1.89 -31.57 1.57
CA ASN E 34 -1.34 -32.26 0.40
C ASN E 34 -2.18 -31.86 -0.81
N LYS E 35 -1.71 -30.89 -1.59
CA LYS E 35 -2.52 -30.29 -2.66
C LYS E 35 -1.74 -30.09 -3.94
N VAL E 36 -2.38 -30.40 -5.08
CA VAL E 36 -1.77 -30.25 -6.40
C VAL E 36 -2.71 -29.44 -7.28
N ILE E 37 -2.18 -28.41 -7.94
CA ILE E 37 -2.91 -27.63 -8.93
C ILE E 37 -2.28 -27.87 -10.29
N LEU E 38 -3.09 -28.28 -11.26
CA LEU E 38 -2.62 -28.62 -12.59
C LEU E 38 -3.53 -27.99 -13.62
N ILE E 39 -2.93 -27.34 -14.63
CA ILE E 39 -3.62 -26.96 -15.84
C ILE E 39 -2.80 -27.50 -17.00
N GLY E 40 -3.42 -28.29 -17.86
CA GLY E 40 -2.72 -28.86 -18.99
C GLY E 40 -3.66 -29.59 -19.93
N ASN E 41 -3.09 -30.42 -20.80
CA ASN E 41 -3.88 -31.11 -21.83
C ASN E 41 -3.70 -32.62 -21.73
N LEU E 42 -4.80 -33.35 -21.93
CA LEU E 42 -4.74 -34.81 -21.90
C LEU E 42 -3.97 -35.35 -23.09
N GLY E 43 -3.12 -36.35 -22.83
CA GLY E 43 -2.37 -36.95 -23.91
C GLY E 43 -3.12 -37.98 -24.70
N ASP E 44 -4.27 -38.39 -24.20
CA ASP E 44 -5.06 -39.43 -24.83
C ASP E 44 -6.45 -39.37 -24.20
N ASP E 45 -7.34 -40.25 -24.67
CA ASP E 45 -8.69 -40.26 -24.15
C ASP E 45 -8.74 -40.91 -22.77
N PRO E 46 -9.59 -40.40 -21.89
CA PRO E 46 -9.69 -41.00 -20.55
C PRO E 46 -10.11 -42.46 -20.61
N GLU E 47 -9.46 -43.27 -19.78
CA GLU E 47 -9.76 -44.69 -19.63
C GLU E 47 -10.56 -44.89 -18.35
N LEU E 48 -11.76 -45.48 -18.48
CA LEU E 48 -12.67 -45.72 -17.37
C LEU E 48 -12.72 -47.21 -17.05
N ARG E 49 -12.76 -47.52 -15.75
CA ARG E 49 -12.88 -48.88 -15.26
C ARG E 49 -13.80 -48.86 -14.04
N TYR E 50 -14.19 -50.03 -13.54
CA TYR E 50 -14.95 -50.13 -12.31
C TYR E 50 -14.30 -51.16 -11.38
N THR E 51 -14.27 -50.84 -10.10
CA THR E 51 -13.82 -51.79 -9.09
C THR E 51 -14.85 -52.89 -8.87
N GLY E 52 -14.44 -53.89 -8.08
CA GLY E 52 -15.34 -55.00 -7.79
C GLY E 52 -16.62 -54.55 -7.12
N SER E 53 -16.55 -53.46 -6.35
CA SER E 53 -17.70 -52.85 -5.71
C SER E 53 -18.54 -51.98 -6.64
N GLY E 54 -18.06 -51.64 -7.84
CA GLY E 54 -18.83 -50.83 -8.78
C GLY E 54 -18.47 -49.37 -8.85
N THR E 55 -17.39 -48.94 -8.20
CA THR E 55 -16.97 -47.54 -8.21
C THR E 55 -16.25 -47.21 -9.50
N ALA E 56 -16.65 -46.11 -10.15
CA ALA E 56 -15.98 -45.68 -11.36
C ALA E 56 -14.56 -45.24 -11.03
N VAL E 57 -13.58 -45.68 -11.82
CA VAL E 57 -12.21 -45.23 -11.70
C VAL E 57 -11.73 -44.82 -13.08
N CYS E 58 -11.50 -43.52 -13.26
CA CYS E 58 -11.10 -42.94 -14.54
C CYS E 58 -9.64 -42.52 -14.44
N ASN E 59 -8.81 -43.04 -15.34
CA ASN E 59 -7.38 -42.72 -15.39
C ASN E 59 -7.09 -41.83 -16.60
N MET E 60 -6.28 -40.79 -16.38
CA MET E 60 -5.99 -39.80 -17.40
C MET E 60 -4.49 -39.46 -17.40
N SER E 61 -3.93 -39.25 -18.59
CA SER E 61 -2.57 -38.74 -18.71
C SER E 61 -2.64 -37.26 -19.09
N LEU E 62 -2.08 -36.40 -18.25
CA LEU E 62 -2.16 -34.95 -18.42
C LEU E 62 -0.75 -34.38 -18.61
N ALA E 63 -0.58 -33.57 -19.66
CA ALA E 63 0.69 -32.91 -19.93
C ALA E 63 0.58 -31.46 -19.47
N THR E 64 1.47 -31.05 -18.57
CA THR E 64 1.63 -29.63 -18.29
C THR E 64 2.86 -29.11 -19.02
N ASN E 65 2.71 -27.99 -19.69
CA ASN E 65 3.75 -27.44 -20.54
C ASN E 65 4.31 -26.20 -19.88
N GLU E 66 5.62 -26.02 -20.03
CA GLU E 66 6.36 -24.92 -19.39
C GLU E 66 7.32 -24.35 -20.41
N THR E 67 7.22 -23.04 -20.68
CA THR E 67 8.13 -22.38 -21.61
C THR E 67 8.91 -21.29 -20.88
N TYR E 68 10.22 -21.24 -21.12
CA TYR E 68 11.04 -20.15 -20.66
C TYR E 68 12.09 -19.83 -21.71
N THR E 69 12.60 -18.61 -21.68
CA THR E 69 13.70 -18.20 -22.54
C THR E 69 14.99 -18.34 -21.74
N ASP E 70 15.92 -19.12 -22.28
CA ASP E 70 17.17 -19.36 -21.57
C ASP E 70 18.10 -18.17 -21.77
N SER E 71 19.31 -18.26 -21.22
CA SER E 71 20.25 -17.16 -21.33
C SER E 71 20.83 -17.02 -22.73
N ASP E 72 20.75 -18.08 -23.53
CA ASP E 72 21.23 -18.07 -24.91
C ASP E 72 20.18 -17.62 -25.91
N GLY E 73 19.02 -17.15 -25.44
CA GLY E 73 17.97 -16.66 -26.31
C GLY E 73 17.00 -17.70 -26.82
N ASN E 74 17.25 -18.99 -26.61
CA ASN E 74 16.31 -20.02 -27.06
C ASN E 74 15.05 -20.01 -26.22
N GLU E 75 13.92 -20.29 -26.85
CA GLU E 75 12.66 -20.47 -26.13
C GLU E 75 12.53 -21.96 -25.83
N VAL E 76 12.79 -22.33 -24.59
CA VAL E 76 12.85 -23.72 -24.18
C VAL E 76 11.44 -24.18 -23.79
N GLN E 77 10.90 -25.14 -24.52
CA GLN E 77 9.64 -25.76 -24.16
C GLN E 77 9.93 -27.07 -23.44
N ASN E 78 9.34 -27.25 -22.27
CA ASN E 78 9.39 -28.50 -21.53
C ASN E 78 7.98 -28.98 -21.27
N THR E 79 7.88 -30.24 -20.84
CA THR E 79 6.60 -30.89 -20.64
C THR E 79 6.74 -31.92 -19.52
N GLU E 80 5.89 -31.81 -18.50
CA GLU E 80 5.75 -32.85 -17.49
C GLU E 80 4.44 -33.60 -17.73
N TRP E 81 4.49 -34.91 -17.50
CA TRP E 81 3.35 -35.82 -17.63
C TRP E 81 2.90 -36.30 -16.26
N HIS E 82 1.60 -36.30 -16.02
CA HIS E 82 1.09 -36.75 -14.73
C HIS E 82 0.02 -37.81 -14.93
N ASP E 83 0.02 -38.80 -14.04
CA ASP E 83 -1.08 -39.75 -13.96
C ASP E 83 -2.14 -39.15 -13.05
N VAL E 84 -3.29 -38.81 -13.63
CA VAL E 84 -4.41 -38.26 -12.88
C VAL E 84 -5.54 -39.28 -12.87
N VAL E 85 -6.10 -39.54 -11.69
CA VAL E 85 -7.18 -40.50 -11.56
C VAL E 85 -8.34 -39.83 -10.83
N ALA E 86 -9.56 -40.06 -11.34
CA ALA E 86 -10.77 -39.62 -10.68
C ALA E 86 -11.64 -40.83 -10.34
N TRP E 87 -12.24 -40.79 -9.16
CA TRP E 87 -13.12 -41.84 -8.66
C TRP E 87 -14.55 -41.36 -8.66
N GLY E 88 -15.47 -42.32 -8.60
CA GLY E 88 -16.89 -42.01 -8.42
C GLY E 88 -17.48 -41.23 -9.57
N ARG E 89 -18.40 -40.33 -9.25
CA ARG E 89 -19.10 -39.57 -10.26
C ARG E 89 -18.14 -38.70 -11.06
N LEU E 90 -17.14 -38.10 -10.40
CA LEU E 90 -16.22 -37.22 -11.13
C LEU E 90 -15.46 -38.00 -12.19
N GLY E 91 -15.10 -39.25 -11.90
CA GLY E 91 -14.48 -40.09 -12.89
C GLY E 91 -15.38 -40.32 -14.10
N GLU E 92 -16.65 -40.62 -13.86
CA GLU E 92 -17.59 -40.76 -14.97
C GLU E 92 -17.77 -39.46 -15.75
N ILE E 93 -17.72 -38.32 -15.06
CA ILE E 93 -17.82 -37.03 -15.73
C ILE E 93 -16.58 -36.76 -16.57
N CYS E 94 -15.38 -37.04 -16.02
CA CYS E 94 -14.16 -36.92 -16.80
C CYS E 94 -14.21 -37.79 -18.04
N ASN E 95 -14.67 -39.03 -17.88
CA ASN E 95 -14.71 -39.96 -19.00
C ASN E 95 -15.67 -39.48 -20.07
N GLU E 96 -16.68 -38.70 -19.69
CA GLU E 96 -17.70 -38.30 -20.66
C GLU E 96 -17.35 -37.02 -21.38
N TYR E 97 -16.85 -36.02 -20.66
CA TYR E 97 -16.65 -34.70 -21.24
C TYR E 97 -15.25 -34.47 -21.80
N LEU E 98 -14.24 -35.23 -21.38
CA LEU E 98 -12.87 -34.99 -21.81
C LEU E 98 -12.44 -35.98 -22.89
N ASP E 99 -11.72 -35.48 -23.88
CA ASP E 99 -11.10 -36.26 -24.95
C ASP E 99 -9.58 -36.07 -24.93
N LYS E 100 -8.90 -36.76 -25.83
CA LYS E 100 -7.51 -36.47 -26.11
C LYS E 100 -7.35 -35.00 -26.51
N GLY E 101 -6.31 -34.37 -26.00
CA GLY E 101 -6.02 -32.99 -26.30
C GLY E 101 -6.83 -31.97 -25.51
N SER E 102 -7.83 -32.40 -24.75
CA SER E 102 -8.63 -31.47 -23.98
C SER E 102 -7.78 -30.75 -22.95
N GLN E 103 -8.01 -29.45 -22.80
CA GLN E 103 -7.36 -28.66 -21.77
C GLN E 103 -8.22 -28.68 -20.52
N VAL E 104 -7.61 -28.94 -19.36
CA VAL E 104 -8.42 -29.16 -18.17
C VAL E 104 -7.67 -28.66 -16.95
N TYR E 105 -8.43 -28.26 -15.94
CA TYR E 105 -7.95 -27.89 -14.62
C TYR E 105 -8.26 -29.02 -13.67
N PHE E 106 -7.28 -29.38 -12.84
CA PHE E 106 -7.43 -30.39 -11.79
C PHE E 106 -6.89 -29.85 -10.47
N GLU E 107 -7.65 -30.06 -9.41
CA GLU E 107 -7.15 -29.94 -8.05
C GLU E 107 -7.20 -31.33 -7.42
N GLY E 108 -6.13 -31.73 -6.76
CA GLY E 108 -6.11 -33.05 -6.14
C GLY E 108 -4.97 -33.20 -5.16
N LYS E 109 -4.76 -34.45 -4.71
CA LYS E 109 -3.70 -34.78 -3.77
C LYS E 109 -2.79 -35.87 -4.32
N LEU E 110 -1.52 -35.82 -3.93
CA LEU E 110 -0.55 -36.84 -4.30
C LEU E 110 -0.79 -38.14 -3.53
N GLN E 111 -0.61 -39.28 -4.22
CA GLN E 111 -0.74 -40.61 -3.64
C GLN E 111 0.27 -41.52 -4.32
N THR E 112 0.89 -42.40 -3.56
CA THR E 112 1.78 -43.40 -4.16
C THR E 112 1.19 -44.77 -3.90
N ARG E 113 0.60 -45.35 -4.95
CA ARG E 113 -0.01 -46.68 -4.87
C ARG E 113 1.02 -47.74 -5.29
N SER E 114 1.11 -48.80 -4.50
CA SER E 114 1.96 -49.94 -4.86
C SER E 114 1.18 -50.95 -5.68
N TRP E 115 1.91 -51.77 -6.45
CA TRP E 115 1.33 -52.86 -7.22
C TRP E 115 2.43 -53.83 -7.59
N GLU E 116 2.12 -55.12 -7.50
CA GLU E 116 3.13 -56.17 -7.65
C GLU E 116 3.57 -56.31 -9.10
N ASP E 117 4.79 -56.80 -9.28
CA ASP E 117 5.32 -57.10 -10.61
C ASP E 117 6.51 -58.07 -10.53
N THR E 122 7.20 -55.89 -7.07
CA THR E 122 6.55 -54.76 -6.41
C THR E 122 6.94 -53.41 -7.04
N ARG E 123 5.94 -52.64 -7.41
CA ARG E 123 6.14 -51.37 -8.09
C ARG E 123 5.30 -50.29 -7.41
N TYR E 124 5.61 -49.03 -7.73
CA TYR E 124 4.91 -47.89 -7.16
C TYR E 124 4.72 -46.87 -8.26
N SER E 125 3.51 -46.31 -8.35
CA SER E 125 3.22 -45.17 -9.22
C SER E 125 2.69 -44.06 -8.34
N THR E 126 3.27 -42.87 -8.49
CA THR E 126 2.76 -41.68 -7.84
C THR E 126 1.73 -41.04 -8.76
N GLU E 127 0.53 -40.83 -8.26
CA GLU E 127 -0.51 -40.22 -9.06
C GLU E 127 -1.18 -39.06 -8.32
N VAL E 128 -1.88 -38.24 -9.09
CA VAL E 128 -2.66 -37.13 -8.57
C VAL E 128 -4.11 -37.61 -8.52
N LYS E 129 -4.70 -37.60 -7.33
CA LYS E 129 -6.08 -38.05 -7.16
C LYS E 129 -6.97 -36.83 -7.20
N ALA E 130 -7.69 -36.67 -8.31
CA ALA E 130 -8.51 -35.48 -8.51
C ALA E 130 -9.51 -35.31 -7.39
N GLN E 131 -9.64 -34.07 -6.91
CA GLN E 131 -10.71 -33.66 -6.02
C GLN E 131 -11.66 -32.67 -6.67
N GLU E 132 -11.15 -31.83 -7.55
CA GLU E 132 -11.93 -30.88 -8.34
C GLU E 132 -11.44 -30.92 -9.77
N MET E 133 -12.34 -30.71 -10.71
CA MET E 133 -11.98 -30.72 -12.12
C MET E 133 -12.85 -29.72 -12.86
N MET E 134 -12.24 -28.96 -13.79
CA MET E 134 -12.94 -27.99 -14.60
C MET E 134 -12.51 -28.10 -16.06
N PHE E 135 -13.49 -28.23 -16.97
CA PHE E 135 -13.21 -28.36 -18.40
C PHE E 135 -13.00 -26.98 -19.03
N LEU E 136 -11.83 -26.76 -19.61
CA LEU E 136 -11.40 -25.42 -20.00
C LEU E 136 -11.54 -25.16 -21.50
N ASP E 137 -12.11 -26.09 -22.26
CA ASP E 137 -12.30 -25.90 -23.70
C ASP E 137 -13.72 -25.45 -24.01
N MET F 29 8.52 35.08 -7.98
CA MET F 29 7.17 34.59 -8.21
C MET F 29 7.13 33.15 -8.74
N ALA F 30 6.20 32.36 -8.23
CA ALA F 30 6.16 30.93 -8.50
C ALA F 30 5.25 30.60 -9.68
N ARG F 31 5.68 29.63 -10.50
CA ARG F 31 4.85 29.12 -11.58
C ARG F 31 4.18 27.79 -11.24
N GLY F 32 4.38 27.29 -10.02
CA GLY F 32 3.72 26.09 -9.54
C GLY F 32 4.04 25.92 -8.08
N VAL F 33 3.34 24.97 -7.44
CA VAL F 33 3.59 24.63 -6.05
C VAL F 33 3.82 23.13 -5.95
N ASN F 34 4.95 22.74 -5.38
CA ASN F 34 5.39 21.36 -5.25
C ASN F 34 6.10 21.26 -3.90
N LYS F 35 5.33 20.92 -2.86
CA LYS F 35 5.80 21.01 -1.49
C LYS F 35 5.45 19.74 -0.73
N VAL F 36 6.45 19.12 -0.10
CA VAL F 36 6.27 17.94 0.75
C VAL F 36 6.74 18.28 2.14
N ILE F 37 6.01 17.83 3.16
CA ILE F 37 6.39 18.03 4.56
C ILE F 37 6.37 16.68 5.27
N LEU F 38 7.51 16.30 5.84
CA LEU F 38 7.69 15.01 6.50
C LEU F 38 8.20 15.21 7.92
N ILE F 39 7.58 14.52 8.86
CA ILE F 39 8.16 14.29 10.18
C ILE F 39 8.17 12.79 10.37
N GLY F 40 9.36 12.23 10.58
CA GLY F 40 9.52 10.79 10.70
C GLY F 40 10.84 10.43 11.32
N ASN F 41 11.22 9.16 11.17
CA ASN F 41 12.49 8.64 11.71
C ASN F 41 13.31 7.95 10.63
N LEU F 42 14.61 8.25 10.60
CA LEU F 42 15.51 7.67 9.61
C LEU F 42 15.57 6.15 9.75
N GLY F 43 15.51 5.45 8.62
CA GLY F 43 15.58 4.00 8.65
C GLY F 43 16.99 3.48 8.80
N ASP F 44 17.98 4.28 8.43
CA ASP F 44 19.37 3.85 8.51
C ASP F 44 20.25 5.10 8.52
N ASP F 45 21.54 4.89 8.75
CA ASP F 45 22.48 5.99 8.71
C ASP F 45 22.52 6.61 7.32
N PRO F 46 22.56 7.93 7.21
CA PRO F 46 22.59 8.56 5.88
C PRO F 46 23.89 8.22 5.17
N GLU F 47 23.80 8.18 3.84
CA GLU F 47 24.96 7.95 2.97
C GLU F 47 25.28 9.25 2.25
N LEU F 48 26.57 9.61 2.20
CA LEU F 48 27.00 10.85 1.55
C LEU F 48 27.89 10.50 0.37
N ARG F 49 27.38 10.71 -0.83
CA ARG F 49 28.13 10.53 -2.07
C ARG F 49 28.42 11.90 -2.68
N TYR F 50 29.26 11.91 -3.70
CA TYR F 50 29.63 13.15 -4.37
C TYR F 50 29.45 13.01 -5.87
N THR F 51 28.93 14.06 -6.49
CA THR F 51 28.79 14.14 -7.94
C THR F 51 30.16 14.37 -8.59
N GLY F 52 30.17 14.24 -9.91
CA GLY F 52 31.42 14.44 -10.64
C GLY F 52 32.04 15.80 -10.40
N SER F 53 31.21 16.83 -10.18
CA SER F 53 31.68 18.18 -9.94
C SER F 53 31.98 18.47 -8.49
N GLY F 54 31.82 17.48 -7.61
CA GLY F 54 32.19 17.63 -6.21
C GLY F 54 31.06 17.97 -5.28
N THR F 55 29.82 18.06 -5.78
CA THR F 55 28.70 18.47 -4.95
C THR F 55 28.25 17.34 -4.04
N ALA F 56 28.11 17.64 -2.75
CA ALA F 56 27.70 16.62 -1.80
C ALA F 56 26.25 16.21 -2.04
N VAL F 57 25.96 14.93 -1.84
CA VAL F 57 24.61 14.39 -2.03
C VAL F 57 24.38 13.35 -0.96
N CYS F 58 23.42 13.60 -0.08
CA CYS F 58 23.13 12.72 1.05
C CYS F 58 21.75 12.06 0.84
N ASN F 59 21.76 10.74 0.63
CA ASN F 59 20.54 9.95 0.49
C ASN F 59 20.14 9.36 1.84
N MET F 60 18.85 9.47 2.16
CA MET F 60 18.31 9.03 3.43
C MET F 60 16.97 8.34 3.21
N SER F 61 16.69 7.37 4.07
CA SER F 61 15.46 6.63 4.05
C SER F 61 14.70 6.99 5.31
N LEU F 62 13.52 7.59 5.13
CA LEU F 62 12.75 8.17 6.23
C LEU F 62 11.41 7.47 6.37
N ALA F 63 11.07 7.10 7.60
CA ALA F 63 9.80 6.45 7.89
C ALA F 63 8.89 7.47 8.55
N THR F 64 7.68 7.61 8.00
CA THR F 64 6.63 8.38 8.66
C THR F 64 5.61 7.38 9.19
N ASN F 65 5.27 7.53 10.46
CA ASN F 65 4.40 6.58 11.16
C ASN F 65 3.07 7.26 11.44
N GLU F 66 2.01 6.63 11.00
CA GLU F 66 0.65 7.12 11.22
C GLU F 66 -0.09 6.09 12.05
N THR F 67 -0.99 6.55 12.91
CA THR F 67 -1.74 5.67 13.78
C THR F 67 -3.21 6.07 13.73
N TYR F 68 -4.08 5.07 13.54
CA TYR F 68 -5.53 5.25 13.65
C TYR F 68 -6.12 3.99 14.29
N THR F 69 -7.36 4.11 14.78
CA THR F 69 -8.05 2.99 15.40
C THR F 69 -9.24 2.54 14.55
N ASP F 70 -9.60 1.27 14.73
CA ASP F 70 -10.67 0.60 13.98
C ASP F 70 -12.07 1.09 14.34
N GLU F 75 -5.69 -0.35 17.08
CA GLU F 75 -4.46 0.45 16.97
C GLU F 75 -3.66 0.01 15.75
N VAL F 76 -3.85 0.75 14.65
CA VAL F 76 -3.27 0.41 13.36
C VAL F 76 -2.10 1.34 13.10
N GLN F 77 -0.90 0.76 12.95
CA GLN F 77 0.35 1.48 12.70
C GLN F 77 0.81 1.14 11.28
N ASN F 78 0.71 2.11 10.37
CA ASN F 78 1.11 1.94 8.97
C ASN F 78 2.17 2.96 8.63
N THR F 79 3.41 2.48 8.44
CA THR F 79 4.53 3.32 8.08
C THR F 79 4.57 3.56 6.56
N GLU F 80 5.03 4.72 6.17
CA GLU F 80 5.36 4.99 4.78
C GLU F 80 6.84 5.35 4.68
N TRP F 81 7.53 4.78 3.70
CA TRP F 81 8.96 5.01 3.52
C TRP F 81 9.21 5.97 2.37
N HIS F 82 10.09 6.92 2.61
CA HIS F 82 10.40 7.97 1.67
C HIS F 82 11.90 8.00 1.49
N ASP F 83 12.35 8.08 0.25
CA ASP F 83 13.74 8.38 -0.05
C ASP F 83 13.86 9.90 -0.08
N VAL F 84 14.76 10.44 0.73
CA VAL F 84 14.99 11.86 0.86
C VAL F 84 16.44 12.14 0.50
N VAL F 85 16.66 13.12 -0.38
CA VAL F 85 17.99 13.48 -0.85
C VAL F 85 18.28 14.91 -0.43
N ALA F 86 19.49 15.16 0.08
CA ALA F 86 19.89 16.50 0.49
C ALA F 86 21.22 16.85 -0.17
N TRP F 87 21.23 17.99 -0.86
CA TRP F 87 22.37 18.37 -1.68
C TRP F 87 23.24 19.39 -0.95
N GLY F 88 24.52 19.43 -1.37
CA GLY F 88 25.43 20.47 -0.93
C GLY F 88 25.58 20.53 0.58
N ARG F 89 25.64 21.76 1.10
CA ARG F 89 25.95 21.95 2.52
C ARG F 89 24.90 21.28 3.40
N LEU F 90 23.63 21.31 2.98
CA LEU F 90 22.59 20.68 3.80
C LEU F 90 22.77 19.17 3.83
N GLY F 91 23.13 18.57 2.70
CA GLY F 91 23.45 17.15 2.69
C GLY F 91 24.54 16.81 3.67
N GLU F 92 25.57 17.66 3.75
CA GLU F 92 26.65 17.41 4.69
C GLU F 92 26.19 17.49 6.13
N ILE F 93 25.21 18.37 6.43
CA ILE F 93 24.74 18.50 7.81
C ILE F 93 23.91 17.29 8.21
N CYS F 94 23.12 16.75 7.28
CA CYS F 94 22.37 15.52 7.54
C CYS F 94 23.31 14.36 7.78
N ASN F 95 24.31 14.18 6.90
CA ASN F 95 25.25 13.08 7.04
C ASN F 95 25.96 13.12 8.38
N GLU F 96 26.22 14.32 8.89
CA GLU F 96 27.00 14.48 10.10
C GLU F 96 26.18 14.34 11.37
N TYR F 97 24.96 14.87 11.41
CA TYR F 97 24.19 14.97 12.65
C TYR F 97 23.10 13.93 12.77
N LEU F 98 22.55 13.44 11.65
CA LEU F 98 21.49 12.44 11.65
C LEU F 98 22.05 11.03 11.72
N ASP F 99 21.33 10.17 12.43
CA ASP F 99 21.68 8.76 12.57
C ASP F 99 20.43 7.93 12.38
N LYS F 100 20.64 6.62 12.24
CA LYS F 100 19.52 5.70 12.18
C LYS F 100 18.66 5.82 13.43
N GLY F 101 17.36 6.09 13.24
CA GLY F 101 16.44 6.30 14.32
C GLY F 101 16.12 7.76 14.62
N SER F 102 16.92 8.69 14.10
CA SER F 102 16.74 10.10 14.38
C SER F 102 15.34 10.58 13.99
N GLN F 103 14.72 11.34 14.87
CA GLN F 103 13.50 12.01 14.48
C GLN F 103 13.87 13.30 13.75
N VAL F 104 13.26 13.52 12.59
CA VAL F 104 13.67 14.62 11.73
C VAL F 104 12.44 15.19 11.04
N TYR F 105 12.52 16.47 10.70
CA TYR F 105 11.52 17.20 9.93
C TYR F 105 12.12 17.58 8.60
N PHE F 106 11.43 17.27 7.52
CA PHE F 106 11.88 17.69 6.20
C PHE F 106 10.79 18.50 5.54
N GLU F 107 11.22 19.53 4.82
CA GLU F 107 10.39 20.20 3.83
C GLU F 107 11.08 20.11 2.48
N GLY F 108 10.34 19.73 1.45
CA GLY F 108 10.98 19.50 0.18
C GLY F 108 10.03 19.53 -0.98
N LYS F 109 10.55 19.12 -2.14
CA LYS F 109 9.78 19.01 -3.37
C LYS F 109 9.84 17.59 -3.94
N LEU F 110 8.73 17.16 -4.53
CA LEU F 110 8.62 15.85 -5.15
C LEU F 110 9.27 15.84 -6.52
N GLN F 111 10.13 14.86 -6.78
CA GLN F 111 10.79 14.76 -8.08
C GLN F 111 11.11 13.31 -8.35
N THR F 112 11.04 12.93 -9.62
CA THR F 112 11.23 11.54 -10.03
C THR F 112 12.43 11.48 -10.95
N ARG F 113 13.54 10.93 -10.47
CA ARG F 113 14.72 10.79 -11.30
C ARG F 113 14.75 9.41 -11.97
N SER F 114 15.53 9.32 -13.03
CA SER F 114 15.75 8.06 -13.74
C SER F 114 17.16 7.56 -13.46
N TRP F 115 17.34 6.25 -13.61
CA TRP F 115 18.63 5.59 -13.42
C TRP F 115 18.59 4.27 -14.17
N GLU F 116 19.69 3.52 -14.10
CA GLU F 116 19.86 2.31 -14.90
C GLU F 116 20.14 1.09 -14.03
N ASP F 117 19.92 -0.09 -14.61
CA ASP F 117 20.04 -1.34 -13.89
C ASP F 117 21.12 -2.26 -14.48
N ARG F 118 20.93 -3.57 -14.32
CA ARG F 118 21.84 -4.54 -14.91
C ARG F 118 21.97 -4.31 -16.42
N ASP F 119 20.84 -4.34 -17.12
CA ASP F 119 20.81 -3.99 -18.52
C ASP F 119 20.72 -2.48 -18.69
N ASN F 120 20.07 -2.02 -19.76
CA ASN F 120 19.83 -0.61 -19.99
C ASN F 120 18.35 -0.25 -19.86
N ASN F 121 17.64 -0.99 -19.01
CA ASN F 121 16.28 -0.60 -18.65
C ASN F 121 16.36 0.65 -17.79
N THR F 122 15.78 1.74 -18.28
CA THR F 122 15.64 2.92 -17.45
C THR F 122 14.66 2.62 -16.32
N ARG F 123 15.09 2.84 -15.09
CA ARG F 123 14.24 2.69 -13.91
C ARG F 123 14.01 4.05 -13.29
N TYR F 124 12.85 4.22 -12.67
CA TYR F 124 12.45 5.52 -12.13
C TYR F 124 12.26 5.42 -10.62
N SER F 125 12.51 6.54 -9.94
CA SER F 125 12.38 6.58 -8.49
C SER F 125 11.94 7.97 -8.05
N THR F 126 10.78 8.05 -7.40
CA THR F 126 10.31 9.29 -6.80
C THR F 126 10.99 9.51 -5.45
N GLU F 127 11.47 10.73 -5.21
CA GLU F 127 12.15 11.05 -3.96
C GLU F 127 11.91 12.52 -3.61
N VAL F 128 12.00 12.80 -2.32
CA VAL F 128 11.80 14.16 -1.81
C VAL F 128 13.14 14.87 -1.76
N LYS F 129 13.28 15.94 -2.55
CA LYS F 129 14.49 16.76 -2.50
C LYS F 129 14.33 17.78 -1.39
N ALA F 130 15.23 17.72 -0.41
CA ALA F 130 15.06 18.51 0.81
C ALA F 130 15.42 19.98 0.59
N GLN F 131 14.62 20.86 1.17
CA GLN F 131 14.90 22.30 1.20
C GLN F 131 15.11 22.84 2.60
N GLU F 132 14.47 22.26 3.62
CA GLU F 132 14.76 22.55 5.00
C GLU F 132 14.83 21.23 5.76
N MET F 133 15.55 21.23 6.88
CA MET F 133 15.64 20.06 7.74
C MET F 133 15.81 20.57 9.15
N MET F 134 15.11 19.94 10.10
CA MET F 134 15.30 20.22 11.53
C MET F 134 15.46 18.92 12.30
N PHE F 135 16.63 18.74 12.93
CA PHE F 135 16.84 17.61 13.84
C PHE F 135 15.95 17.80 15.07
N LEU F 136 15.24 16.74 15.45
CA LEU F 136 14.20 16.85 16.49
C LEU F 136 14.53 16.06 17.75
N ASP F 137 15.81 15.74 17.97
CA ASP F 137 16.27 15.11 19.21
C ASP F 137 17.24 16.02 19.97
N MET G 29 -18.41 -31.52 -11.49
CA MET G 29 -17.50 -30.62 -12.20
C MET G 29 -17.66 -29.15 -11.75
N ALA G 30 -16.54 -28.53 -11.43
CA ALA G 30 -16.52 -27.14 -10.99
C ALA G 30 -16.73 -26.18 -12.16
N ARG G 31 -17.45 -25.09 -11.92
CA ARG G 31 -17.74 -24.08 -12.95
C ARG G 31 -16.83 -22.85 -12.84
N GLY G 32 -15.88 -22.86 -11.92
CA GLY G 32 -14.98 -21.74 -11.72
C GLY G 32 -14.09 -22.14 -10.53
N VAL G 33 -13.01 -21.37 -10.41
CA VAL G 33 -12.06 -21.61 -9.31
C VAL G 33 -11.86 -20.29 -8.56
N ASN G 34 -11.92 -20.38 -7.23
CA ASN G 34 -11.93 -19.26 -6.29
C ASN G 34 -11.28 -19.80 -5.01
N LYS G 35 -9.96 -19.83 -5.01
CA LYS G 35 -9.20 -20.45 -3.93
C LYS G 35 -8.19 -19.47 -3.34
N VAL G 36 -8.12 -19.44 -2.02
CA VAL G 36 -7.17 -18.61 -1.28
C VAL G 36 -6.38 -19.49 -0.32
N ILE G 37 -5.06 -19.38 -0.34
CA ILE G 37 -4.19 -20.11 0.58
C ILE G 37 -3.40 -19.10 1.41
N LEU G 38 -3.51 -19.19 2.73
CA LEU G 38 -2.87 -18.25 3.65
C LEU G 38 -2.09 -18.98 4.73
N ILE G 39 -0.89 -18.52 5.01
CA ILE G 39 -0.17 -18.89 6.22
C ILE G 39 0.26 -17.59 6.88
N GLY G 40 -0.17 -17.39 8.12
CA GLY G 40 0.10 -16.16 8.81
C GLY G 40 -0.05 -16.32 10.30
N ASN G 41 -0.10 -15.17 10.98
CA ASN G 41 -0.29 -15.13 12.42
C ASN G 41 -1.49 -14.24 12.73
N LEU G 42 -2.33 -14.70 13.65
CA LEU G 42 -3.51 -13.91 14.01
C LEU G 42 -3.09 -12.63 14.71
N GLY G 43 -3.84 -11.58 14.46
CA GLY G 43 -3.49 -10.30 15.05
C GLY G 43 -4.19 -10.01 16.34
N ASP G 44 -5.23 -10.79 16.63
CA ASP G 44 -6.01 -10.70 17.85
C ASP G 44 -6.60 -12.08 18.08
N ASP G 45 -7.07 -12.32 19.29
CA ASP G 45 -7.74 -13.57 19.58
C ASP G 45 -8.97 -13.71 18.68
N PRO G 46 -9.36 -14.93 18.32
CA PRO G 46 -10.57 -15.13 17.53
C PRO G 46 -11.81 -14.59 18.26
N GLU G 47 -12.79 -14.16 17.48
CA GLU G 47 -14.06 -13.61 17.95
C GLU G 47 -15.18 -14.56 17.55
N LEU G 48 -15.76 -15.25 18.53
CA LEU G 48 -16.75 -16.30 18.28
C LEU G 48 -18.14 -15.75 18.50
N ARG G 49 -19.05 -16.02 17.56
CA ARG G 49 -20.45 -15.68 17.73
C ARG G 49 -21.31 -16.86 17.28
N TYR G 50 -22.61 -16.73 17.50
CA TYR G 50 -23.58 -17.75 17.10
C TYR G 50 -24.71 -17.09 16.31
N THR G 51 -25.17 -17.78 15.28
CA THR G 51 -26.37 -17.35 14.58
C THR G 51 -27.58 -17.59 15.48
N GLY G 52 -28.77 -17.28 14.95
CA GLY G 52 -29.98 -17.62 15.69
C GLY G 52 -30.15 -19.12 15.90
N SER G 53 -29.70 -19.92 14.94
CA SER G 53 -29.83 -21.37 14.95
C SER G 53 -28.82 -22.05 15.88
N GLY G 54 -27.92 -21.30 16.49
CA GLY G 54 -26.83 -21.90 17.24
C GLY G 54 -25.59 -22.25 16.44
N THR G 55 -25.41 -21.66 15.26
CA THR G 55 -24.26 -21.96 14.41
C THR G 55 -23.15 -20.95 14.65
N ALA G 56 -21.97 -21.47 15.02
CA ALA G 56 -20.84 -20.61 15.32
C ALA G 56 -20.38 -19.83 14.10
N VAL G 57 -20.01 -18.57 14.30
CA VAL G 57 -19.35 -17.75 13.30
C VAL G 57 -18.09 -17.18 13.94
N CYS G 58 -16.92 -17.59 13.45
CA CYS G 58 -15.65 -17.18 14.03
C CYS G 58 -14.94 -16.23 13.07
N ASN G 59 -14.79 -14.98 13.48
CA ASN G 59 -14.11 -13.94 12.72
C ASN G 59 -12.70 -13.78 13.27
N MET G 60 -11.71 -13.73 12.35
CA MET G 60 -10.31 -13.59 12.72
C MET G 60 -9.63 -12.58 11.81
N SER G 61 -8.56 -11.99 12.33
CA SER G 61 -7.70 -11.07 11.59
C SER G 61 -6.34 -11.72 11.46
N LEU G 62 -5.92 -11.99 10.23
CA LEU G 62 -4.68 -12.71 9.95
C LEU G 62 -3.69 -11.81 9.23
N ALA G 63 -2.46 -11.79 9.73
CA ALA G 63 -1.36 -11.08 9.08
C ALA G 63 -0.48 -12.08 8.36
N THR G 64 -0.39 -11.94 7.05
CA THR G 64 0.59 -12.66 6.25
C THR G 64 1.81 -11.75 6.08
N ASN G 65 2.97 -12.24 6.51
CA ASN G 65 4.21 -11.46 6.51
C ASN G 65 5.09 -11.92 5.36
N GLU G 66 5.28 -11.05 4.38
CA GLU G 66 6.25 -11.28 3.33
C GLU G 66 7.50 -10.50 3.66
N THR G 67 8.66 -10.99 3.19
CA THR G 67 9.93 -10.33 3.46
C THR G 67 10.85 -10.51 2.26
N TYR G 68 11.28 -9.41 1.66
CA TYR G 68 12.25 -9.43 0.58
C TYR G 68 13.46 -8.59 0.98
N THR G 69 14.49 -8.65 0.14
CA THR G 69 15.67 -7.83 0.35
C THR G 69 15.82 -6.88 -0.83
N ASP G 70 16.02 -5.60 -0.53
CA ASP G 70 16.02 -4.57 -1.54
C ASP G 70 17.45 -4.30 -1.99
N SER G 71 17.60 -3.31 -2.87
CA SER G 71 18.89 -3.03 -3.48
C SER G 71 19.92 -2.62 -2.44
N ASP G 72 19.54 -1.74 -1.51
CA ASP G 72 20.45 -1.19 -0.51
C ASP G 72 20.71 -2.15 0.64
N GLY G 73 20.24 -3.40 0.56
CA GLY G 73 20.52 -4.39 1.57
C GLY G 73 19.56 -4.42 2.74
N ASN G 74 18.61 -3.49 2.81
CA ASN G 74 17.57 -3.58 3.81
C ASN G 74 16.74 -4.84 3.56
N GLU G 75 16.43 -5.57 4.64
CA GLU G 75 15.46 -6.65 4.57
C GLU G 75 14.10 -6.03 4.90
N VAL G 76 13.19 -6.03 3.94
CA VAL G 76 11.94 -5.28 4.05
C VAL G 76 10.81 -6.24 4.38
N GLN G 77 10.03 -5.90 5.41
CA GLN G 77 8.83 -6.63 5.78
C GLN G 77 7.59 -5.88 5.32
N ASN G 78 6.75 -6.55 4.54
CA ASN G 78 5.47 -6.02 4.09
C ASN G 78 4.38 -6.96 4.57
N THR G 79 3.46 -6.44 5.35
CA THR G 79 2.42 -7.23 5.97
C THR G 79 1.08 -6.95 5.31
N GLU G 80 0.34 -8.01 5.02
CA GLU G 80 -1.02 -7.86 4.54
C GLU G 80 -1.97 -8.43 5.59
N TRP G 81 -3.12 -7.78 5.75
CA TRP G 81 -4.11 -8.13 6.77
C TRP G 81 -5.38 -8.61 6.10
N HIS G 82 -5.87 -9.77 6.55
CA HIS G 82 -6.99 -10.47 5.97
C HIS G 82 -8.06 -10.73 7.02
N ASP G 83 -9.32 -10.59 6.62
CA ASP G 83 -10.46 -10.98 7.44
C ASP G 83 -10.85 -12.42 7.07
N VAL G 84 -10.57 -13.37 7.97
CA VAL G 84 -10.91 -14.76 7.78
C VAL G 84 -12.15 -15.07 8.62
N VAL G 85 -13.09 -15.79 8.03
CA VAL G 85 -14.30 -16.21 8.75
C VAL G 85 -14.48 -17.72 8.63
N ALA G 86 -14.81 -18.38 9.75
CA ALA G 86 -15.03 -19.82 9.81
C ALA G 86 -16.38 -20.12 10.44
N TRP G 87 -17.10 -21.06 9.84
CA TRP G 87 -18.45 -21.42 10.28
C TRP G 87 -18.47 -22.81 10.90
N GLY G 88 -19.49 -23.03 11.74
CA GLY G 88 -19.78 -24.35 12.25
C GLY G 88 -18.68 -24.90 13.11
N ARG G 89 -18.46 -26.21 13.01
CA ARG G 89 -17.46 -26.88 13.83
C ARG G 89 -16.07 -26.31 13.61
N LEU G 90 -15.76 -25.90 12.36
CA LEU G 90 -14.46 -25.29 12.10
C LEU G 90 -14.33 -23.95 12.80
N GLY G 91 -15.40 -23.15 12.84
CA GLY G 91 -15.36 -21.93 13.62
C GLY G 91 -15.16 -22.19 15.10
N GLU G 92 -15.90 -23.18 15.64
CA GLU G 92 -15.69 -23.56 17.03
C GLU G 92 -14.25 -24.01 17.27
N ILE G 93 -13.66 -24.74 16.32
CA ILE G 93 -12.31 -25.26 16.49
C ILE G 93 -11.26 -24.15 16.39
N CYS G 94 -11.50 -23.13 15.56
CA CYS G 94 -10.59 -21.99 15.52
C CYS G 94 -10.60 -21.21 16.84
N ASN G 95 -11.80 -20.94 17.39
CA ASN G 95 -11.87 -20.19 18.64
C ASN G 95 -11.24 -20.96 19.77
N GLU G 96 -11.02 -22.25 19.56
CA GLU G 96 -10.58 -23.18 20.58
C GLU G 96 -9.06 -23.36 20.62
N TYR G 97 -8.40 -23.53 19.48
CA TYR G 97 -6.96 -23.78 19.48
C TYR G 97 -6.12 -22.60 19.01
N LEU G 98 -6.73 -21.45 18.68
CA LEU G 98 -5.96 -20.33 18.14
C LEU G 98 -6.08 -19.09 19.00
N ASP G 99 -4.95 -18.40 19.21
CA ASP G 99 -4.94 -17.14 19.94
C ASP G 99 -4.24 -16.08 19.09
N LYS G 100 -4.26 -14.86 19.62
CA LYS G 100 -3.38 -13.83 19.13
C LYS G 100 -1.95 -14.37 19.05
N GLY G 101 -1.36 -14.26 17.87
CA GLY G 101 -0.02 -14.73 17.61
C GLY G 101 0.06 -16.10 16.97
N SER G 102 -0.98 -16.92 17.10
CA SER G 102 -0.93 -18.28 16.57
C SER G 102 -0.61 -18.27 15.07
N GLN G 103 0.38 -19.06 14.68
CA GLN G 103 0.63 -19.21 13.27
C GLN G 103 -0.30 -20.31 12.75
N VAL G 104 -0.94 -20.05 11.61
CA VAL G 104 -2.03 -20.89 11.16
C VAL G 104 -2.06 -20.92 9.64
N TYR G 105 -2.47 -22.06 9.10
CA TYR G 105 -2.76 -22.26 7.68
C TYR G 105 -4.27 -22.15 7.44
N PHE G 106 -4.65 -21.48 6.35
CA PHE G 106 -6.04 -21.37 5.95
C PHE G 106 -6.17 -21.61 4.45
N GLU G 107 -7.23 -22.31 4.07
CA GLU G 107 -7.63 -22.51 2.69
C GLU G 107 -9.08 -22.06 2.60
N GLY G 108 -9.39 -21.20 1.64
CA GLY G 108 -10.74 -20.70 1.57
C GLY G 108 -11.05 -20.08 0.23
N LYS G 109 -12.20 -19.40 0.17
CA LYS G 109 -12.64 -18.71 -1.02
C LYS G 109 -12.92 -17.24 -0.70
N LEU G 110 -12.71 -16.40 -1.71
CA LEU G 110 -12.96 -14.97 -1.59
C LEU G 110 -14.44 -14.67 -1.66
N GLN G 111 -14.88 -13.79 -0.76
CA GLN G 111 -16.27 -13.34 -0.70
C GLN G 111 -16.30 -11.87 -0.35
N THR G 112 -17.25 -11.15 -0.91
CA THR G 112 -17.51 -9.78 -0.51
C THR G 112 -18.94 -9.73 0.00
N ARG G 113 -19.10 -9.37 1.27
CA ARG G 113 -20.40 -9.26 1.90
C ARG G 113 -20.76 -7.80 2.16
N SER G 114 -22.05 -7.56 2.32
CA SER G 114 -22.61 -6.24 2.61
C SER G 114 -22.85 -6.09 4.11
N TRP G 115 -22.91 -4.83 4.54
CA TRP G 115 -23.31 -4.48 5.90
C TRP G 115 -23.45 -2.97 5.99
N THR G 122 -24.50 1.50 3.61
CA THR G 122 -24.26 0.35 2.74
C THR G 122 -22.78 0.16 2.40
N ARG G 123 -22.08 -0.70 3.14
CA ARG G 123 -20.64 -0.88 3.01
C ARG G 123 -20.32 -2.33 2.65
N TYR G 124 -19.08 -2.55 2.20
CA TYR G 124 -18.62 -3.85 1.71
C TYR G 124 -17.29 -4.23 2.35
N SER G 125 -17.10 -5.52 2.59
CA SER G 125 -15.82 -6.03 3.06
C SER G 125 -15.49 -7.32 2.31
N THR G 126 -14.27 -7.42 1.82
CA THR G 126 -13.80 -8.64 1.18
C THR G 126 -13.13 -9.50 2.24
N GLU G 127 -13.53 -10.76 2.31
CA GLU G 127 -13.06 -11.62 3.37
C GLU G 127 -12.76 -12.99 2.81
N VAL G 128 -12.09 -13.81 3.61
CA VAL G 128 -11.73 -15.18 3.25
C VAL G 128 -12.57 -16.11 4.11
N LYS G 129 -13.51 -16.80 3.47
CA LYS G 129 -14.35 -17.80 4.14
C LYS G 129 -13.59 -19.12 4.15
N ALA G 130 -13.20 -19.58 5.35
CA ALA G 130 -12.26 -20.69 5.48
C ALA G 130 -12.96 -22.02 5.23
N GLN G 131 -12.30 -22.87 4.45
CA GLN G 131 -12.77 -24.22 4.22
C GLN G 131 -11.87 -25.26 4.88
N GLU G 132 -10.61 -24.92 5.10
CA GLU G 132 -9.67 -25.77 5.81
C GLU G 132 -8.86 -24.88 6.74
N MET G 133 -8.44 -25.47 7.85
CA MET G 133 -7.60 -24.76 8.79
C MET G 133 -6.61 -25.75 9.41
N MET G 134 -5.40 -25.28 9.67
CA MET G 134 -4.42 -26.12 10.33
C MET G 134 -3.54 -25.28 11.25
N PHE G 135 -3.48 -25.67 12.53
CA PHE G 135 -2.73 -24.97 13.57
C PHE G 135 -1.29 -25.47 13.55
N LEU G 136 -0.35 -24.53 13.49
CA LEU G 136 1.06 -24.83 13.23
C LEU G 136 1.97 -24.64 14.44
N ALA H 28 5.28 -13.54 -20.99
CA ALA H 28 4.89 -13.31 -19.60
C ALA H 28 3.62 -14.09 -19.23
N MET H 29 2.96 -14.65 -20.25
CA MET H 29 1.80 -15.50 -20.07
C MET H 29 2.26 -16.95 -19.86
N ALA H 30 1.72 -17.58 -18.82
CA ALA H 30 2.01 -18.99 -18.60
C ALA H 30 1.29 -19.86 -19.64
N ARG H 31 1.83 -21.05 -19.87
CA ARG H 31 1.21 -22.00 -20.78
C ARG H 31 0.76 -23.28 -20.07
N GLY H 32 0.98 -23.40 -18.77
CA GLY H 32 0.53 -24.52 -17.98
C GLY H 32 0.73 -24.16 -16.54
N VAL H 33 0.11 -24.93 -15.65
CA VAL H 33 0.29 -24.78 -14.21
C VAL H 33 0.66 -26.13 -13.59
N ASN H 34 1.77 -26.14 -12.85
CA ASN H 34 2.27 -27.33 -12.15
C ASN H 34 2.64 -26.87 -10.74
N LYS H 35 1.69 -26.94 -9.82
CA LYS H 35 1.86 -26.33 -8.51
C LYS H 35 1.55 -27.35 -7.43
N VAL H 36 2.48 -27.55 -6.50
CA VAL H 36 2.33 -28.45 -5.36
C VAL H 36 2.46 -27.66 -4.06
N ILE H 37 1.55 -27.92 -3.13
CA ILE H 37 1.57 -27.28 -1.82
C ILE H 37 1.49 -28.35 -0.75
N LEU H 38 2.52 -28.43 0.10
CA LEU H 38 2.64 -29.46 1.12
C LEU H 38 2.85 -28.85 2.50
N ILE H 39 2.18 -29.41 3.51
CA ILE H 39 2.54 -29.18 4.90
C ILE H 39 2.56 -30.52 5.60
N GLY H 40 3.70 -30.88 6.17
CA GLY H 40 3.82 -32.16 6.85
C GLY H 40 5.04 -32.26 7.76
N ASN H 41 5.46 -33.49 8.02
CA ASN H 41 6.59 -33.74 8.91
C ASN H 41 7.62 -34.63 8.25
N LEU H 42 8.89 -34.28 8.43
CA LEU H 42 9.97 -35.05 7.82
C LEU H 42 10.01 -36.47 8.40
N GLY H 43 10.43 -37.42 7.57
CA GLY H 43 10.53 -38.81 8.01
C GLY H 43 11.87 -39.11 8.62
N ASP H 44 12.94 -38.53 8.05
CA ASP H 44 14.27 -38.62 8.61
C ASP H 44 14.90 -37.24 8.50
N ASP H 45 16.16 -37.12 8.90
CA ASP H 45 16.88 -35.88 8.71
C ASP H 45 17.12 -35.64 7.22
N PRO H 46 17.16 -34.38 6.79
CA PRO H 46 17.49 -34.11 5.38
C PRO H 46 18.88 -34.60 5.03
N GLU H 47 19.00 -35.18 3.84
CA GLU H 47 20.28 -35.60 3.27
C GLU H 47 20.74 -34.55 2.26
N LEU H 48 21.83 -33.87 2.58
CA LEU H 48 22.40 -32.84 1.72
C LEU H 48 23.73 -33.31 1.15
N ARG H 49 23.90 -33.15 -0.16
CA ARG H 49 25.15 -33.45 -0.83
C ARG H 49 25.51 -32.28 -1.75
N TYR H 50 26.64 -32.41 -2.45
CA TYR H 50 27.11 -31.37 -3.37
C TYR H 50 27.58 -32.00 -4.67
N THR H 51 27.24 -31.36 -5.79
CA THR H 51 27.77 -31.76 -7.08
C THR H 51 29.25 -31.41 -7.19
N GLY H 52 29.90 -31.96 -8.22
CA GLY H 52 31.30 -31.68 -8.45
C GLY H 52 31.61 -30.20 -8.55
N SER H 53 30.65 -29.42 -9.05
CA SER H 53 30.80 -27.96 -9.12
C SER H 53 30.55 -27.26 -7.79
N GLY H 54 30.07 -27.98 -6.78
CA GLY H 54 29.79 -27.39 -5.50
C GLY H 54 28.35 -27.02 -5.26
N THR H 55 27.43 -27.44 -6.12
CA THR H 55 26.02 -27.10 -5.96
C THR H 55 25.37 -28.04 -4.95
N ALA H 56 24.66 -27.45 -4.00
CA ALA H 56 23.95 -28.21 -2.98
C ALA H 56 22.66 -28.79 -3.55
N VAL H 57 22.37 -30.04 -3.19
CA VAL H 57 21.11 -30.69 -3.46
C VAL H 57 20.69 -31.35 -2.15
N CYS H 58 19.53 -30.96 -1.63
CA CYS H 58 18.99 -31.56 -0.42
C CYS H 58 17.79 -32.41 -0.78
N ASN H 59 17.80 -33.67 -0.34
CA ASN H 59 16.71 -34.62 -0.56
C ASN H 59 16.02 -34.91 0.77
N MET H 60 14.69 -34.83 0.77
CA MET H 60 13.90 -34.99 1.99
C MET H 60 12.75 -35.95 1.74
N SER H 61 12.26 -36.52 2.84
CA SER H 61 11.11 -37.39 2.85
C SER H 61 10.04 -36.76 3.75
N LEU H 62 8.92 -36.36 3.16
CA LEU H 62 7.91 -35.59 3.86
C LEU H 62 6.64 -36.40 4.04
N ALA H 63 6.14 -36.45 5.27
CA ALA H 63 4.91 -37.17 5.58
C ALA H 63 3.79 -36.16 5.73
N THR H 64 2.68 -36.42 5.05
CA THR H 64 1.45 -35.66 5.20
C THR H 64 0.37 -36.61 5.65
N ASN H 65 -0.38 -36.22 6.67
CA ASN H 65 -1.32 -37.08 7.36
C ASN H 65 -2.75 -36.66 7.07
N GLU H 66 -3.62 -37.67 6.97
CA GLU H 66 -5.06 -37.50 6.87
C GLU H 66 -5.70 -38.40 7.91
N THR H 67 -6.42 -37.82 8.88
CA THR H 67 -7.11 -38.66 9.86
C THR H 67 -8.58 -38.25 9.97
N ASN H 78 -4.46 -42.43 7.36
CA ASN H 78 -3.55 -42.58 6.24
C ASN H 78 -2.44 -41.52 6.27
N THR H 79 -1.30 -41.87 5.66
CA THR H 79 -0.11 -41.04 5.66
C THR H 79 0.55 -41.15 4.29
N GLU H 80 0.71 -40.03 3.58
CA GLU H 80 1.40 -40.02 2.30
C GLU H 80 2.86 -39.60 2.47
N TRP H 81 3.73 -40.16 1.64
CA TRP H 81 5.15 -39.82 1.64
C TRP H 81 5.54 -39.21 0.29
N HIS H 82 6.32 -38.13 0.37
CA HIS H 82 6.74 -37.36 -0.79
C HIS H 82 8.24 -37.18 -0.72
N ASP H 83 8.93 -37.56 -1.77
CA ASP H 83 10.31 -37.14 -1.94
C ASP H 83 10.30 -35.66 -2.31
N VAL H 84 10.86 -34.82 -1.46
CA VAL H 84 11.06 -33.42 -1.78
C VAL H 84 12.54 -33.21 -2.02
N VAL H 85 12.87 -32.41 -3.03
CA VAL H 85 14.27 -32.06 -3.31
C VAL H 85 14.40 -30.55 -3.40
N ALA H 86 15.43 -30.01 -2.77
CA ALA H 86 15.65 -28.56 -2.81
C ALA H 86 17.11 -28.28 -3.15
N TRP H 87 17.32 -27.34 -4.07
CA TRP H 87 18.63 -27.01 -4.60
C TRP H 87 19.13 -25.68 -4.04
N GLY H 88 20.42 -25.43 -4.23
CA GLY H 88 21.03 -24.16 -3.93
C GLY H 88 20.97 -23.84 -2.45
N ARG H 89 20.88 -22.54 -2.16
CA ARG H 89 20.76 -22.12 -0.76
C ARG H 89 19.48 -22.65 -0.13
N LEU H 90 18.43 -22.84 -0.92
CA LEU H 90 17.20 -23.40 -0.36
C LEU H 90 17.46 -24.77 0.25
N GLY H 91 18.24 -25.60 -0.44
CA GLY H 91 18.58 -26.91 0.12
C GLY H 91 19.46 -26.81 1.35
N GLU H 92 20.41 -25.88 1.35
CA GLU H 92 21.24 -25.67 2.54
C GLU H 92 20.40 -25.21 3.72
N ILE H 93 19.46 -24.29 3.50
CA ILE H 93 18.65 -23.82 4.62
C ILE H 93 17.77 -24.96 5.14
N CYS H 94 17.33 -25.85 4.26
CA CYS H 94 16.60 -27.04 4.72
C CYS H 94 17.49 -27.91 5.59
N ASN H 95 18.72 -28.14 5.16
CA ASN H 95 19.60 -29.01 5.91
C ASN H 95 19.98 -28.42 7.26
N GLU H 96 20.10 -27.10 7.34
CA GLU H 96 20.54 -26.48 8.58
C GLU H 96 19.41 -26.34 9.59
N TYR H 97 18.18 -26.16 9.12
CA TYR H 97 17.10 -25.85 10.04
C TYR H 97 16.19 -27.05 10.30
N LEU H 98 16.02 -27.95 9.34
CA LEU H 98 15.09 -29.06 9.47
C LEU H 98 15.76 -30.30 10.05
N ASP H 99 15.03 -31.02 10.88
CA ASP H 99 15.51 -32.27 11.47
C ASP H 99 14.44 -33.35 11.30
N LYS H 100 14.64 -34.51 11.94
CA LYS H 100 13.88 -35.70 11.59
C LYS H 100 12.38 -35.47 11.70
N GLY H 101 11.91 -34.82 12.75
CA GLY H 101 10.46 -34.72 12.88
C GLY H 101 9.87 -33.36 12.55
N SER H 102 10.61 -32.51 11.86
CA SER H 102 10.24 -31.11 11.76
C SER H 102 8.98 -30.93 10.95
N GLN H 103 8.13 -29.99 11.39
CA GLN H 103 7.00 -29.57 10.59
C GLN H 103 7.45 -28.48 9.61
N VAL H 104 7.09 -28.65 8.34
CA VAL H 104 7.63 -27.82 7.26
C VAL H 104 6.56 -27.62 6.20
N TYR H 105 6.61 -26.46 5.54
CA TYR H 105 5.78 -26.13 4.40
C TYR H 105 6.64 -26.02 3.14
N PHE H 106 6.16 -26.59 2.04
CA PHE H 106 6.83 -26.49 0.76
C PHE H 106 5.86 -26.00 -0.29
N GLU H 107 6.37 -25.23 -1.23
CA GLU H 107 5.70 -25.00 -2.51
C GLU H 107 6.65 -25.46 -3.60
N GLY H 108 6.12 -26.13 -4.60
CA GLY H 108 6.99 -26.63 -5.64
C GLY H 108 6.21 -27.16 -6.81
N LYS H 109 6.91 -27.88 -7.68
CA LYS H 109 6.31 -28.45 -8.87
C LYS H 109 6.58 -29.95 -8.91
N LEU H 110 5.63 -30.68 -9.48
CA LEU H 110 5.79 -32.12 -9.69
C LEU H 110 6.80 -32.39 -10.80
N GLN H 111 7.71 -33.33 -10.59
CA GLN H 111 8.54 -33.77 -11.71
C GLN H 111 8.91 -35.25 -11.56
N THR H 112 8.78 -35.98 -12.67
CA THR H 112 9.04 -37.40 -12.74
C THR H 112 10.30 -37.65 -13.56
N ARG H 113 11.25 -38.35 -12.98
CA ARG H 113 12.44 -38.84 -13.66
C ARG H 113 12.25 -40.33 -13.95
N SER H 114 13.00 -40.85 -14.92
CA SER H 114 12.93 -42.27 -15.23
C SER H 114 14.30 -42.92 -15.17
N TRP H 115 14.30 -44.24 -14.98
CA TRP H 115 15.54 -45.01 -14.98
C TRP H 115 15.21 -46.41 -15.51
N GLU H 116 16.27 -47.20 -15.74
CA GLU H 116 16.14 -48.53 -16.30
C GLU H 116 16.65 -49.55 -15.28
N ASP H 117 15.79 -50.49 -14.87
CA ASP H 117 16.20 -51.52 -13.91
C ASP H 117 17.01 -52.60 -14.65
N ARG H 118 17.31 -53.71 -13.97
CA ARG H 118 18.15 -54.71 -14.58
C ARG H 118 17.40 -55.63 -15.52
N ASP H 119 16.07 -55.70 -15.39
CA ASP H 119 15.22 -56.35 -16.38
C ASP H 119 14.88 -55.43 -17.55
N ASN H 120 15.60 -54.31 -17.69
CA ASN H 120 15.45 -53.40 -18.82
C ASN H 120 14.05 -52.79 -18.90
N ASN H 121 13.38 -52.70 -17.76
CA ASN H 121 12.13 -51.98 -17.67
C ASN H 121 12.40 -50.51 -17.42
N THR H 122 11.63 -49.65 -18.07
CA THR H 122 11.64 -48.24 -17.72
C THR H 122 10.87 -48.05 -16.41
N ARG H 123 11.55 -47.53 -15.40
CA ARG H 123 10.96 -47.26 -14.09
C ARG H 123 10.85 -45.76 -13.88
N TYR H 124 9.84 -45.35 -13.12
CA TYR H 124 9.57 -43.94 -12.92
C TYR H 124 9.68 -43.58 -11.45
N SER H 125 10.10 -42.35 -11.19
CA SER H 125 10.25 -41.84 -9.84
C SER H 125 9.80 -40.40 -9.82
N THR H 126 8.81 -40.08 -9.00
CA THR H 126 8.22 -38.75 -8.94
C THR H 126 8.66 -38.03 -7.67
N GLU H 127 9.20 -36.83 -7.82
CA GLU H 127 9.60 -36.01 -6.69
C GLU H 127 8.98 -34.62 -6.82
N VAL H 128 8.93 -33.92 -5.68
CA VAL H 128 8.51 -32.52 -5.61
C VAL H 128 9.77 -31.70 -5.56
N LYS H 129 9.99 -30.88 -6.59
CA LYS H 129 11.08 -29.93 -6.58
C LYS H 129 10.60 -28.68 -5.83
N ALA H 130 11.21 -28.42 -4.67
CA ALA H 130 10.78 -27.32 -3.85
C ALA H 130 11.33 -26.02 -4.39
N GLN H 131 10.46 -25.01 -4.43
CA GLN H 131 10.83 -23.67 -4.84
C GLN H 131 10.72 -22.66 -3.71
N GLU H 132 9.92 -22.97 -2.72
CA GLU H 132 9.66 -22.13 -1.56
C GLU H 132 9.56 -23.05 -0.36
N MET H 133 9.96 -22.55 0.79
CA MET H 133 9.96 -23.39 1.98
C MET H 133 9.75 -22.51 3.22
N MET H 134 9.00 -23.03 4.18
CA MET H 134 8.76 -22.30 5.42
C MET H 134 8.85 -23.30 6.59
N PHE H 135 9.70 -22.97 7.56
CA PHE H 135 9.87 -23.79 8.77
C PHE H 135 8.81 -23.37 9.79
N LEU H 136 8.09 -24.34 10.33
CA LEU H 136 6.92 -24.04 11.15
C LEU H 136 7.11 -24.35 12.64
#